data_5V63
# 
_entry.id   5V63 
# 
_audit_conform.dict_name       mmcif_pdbx.dic 
_audit_conform.dict_version    5.403 
_audit_conform.dict_location   http://mmcif.pdb.org/dictionaries/ascii/mmcif_pdbx.dic 
# 
loop_
_database_2.database_id 
_database_2.database_code 
_database_2.pdbx_database_accession 
_database_2.pdbx_DOI 
PDB   5V63         pdb_00005v63 10.2210/pdb5v63/pdb 
WWPDB D_1000226934 ?            ?                   
# 
loop_
_pdbx_audit_revision_history.ordinal 
_pdbx_audit_revision_history.data_content_type 
_pdbx_audit_revision_history.major_revision 
_pdbx_audit_revision_history.minor_revision 
_pdbx_audit_revision_history.revision_date 
_pdbx_audit_revision_history.part_number 
1 'Structure model' 1 0 2017-06-28 ? 
2 'Structure model' 1 1 2017-07-05 ? 
3 'Structure model' 1 2 2017-07-26 ? 
4 'Structure model' 1 3 2020-01-01 ? 
5 'Structure model' 1 4 2025-04-02 ? 
# 
_pdbx_audit_revision_details.ordinal             1 
_pdbx_audit_revision_details.revision_ordinal    1 
_pdbx_audit_revision_details.data_content_type   'Structure model' 
_pdbx_audit_revision_details.provider            repository 
_pdbx_audit_revision_details.type                'Initial release' 
_pdbx_audit_revision_details.description         ? 
_pdbx_audit_revision_details.details             ? 
# 
loop_
_pdbx_audit_revision_group.ordinal 
_pdbx_audit_revision_group.revision_ordinal 
_pdbx_audit_revision_group.data_content_type 
_pdbx_audit_revision_group.group 
1 2 'Structure model' 'Database references'        
2 3 'Structure model' Advisory                     
3 3 'Structure model' 'Author supporting evidence' 
4 3 'Structure model' 'Database references'        
5 4 'Structure model' 'Author supporting evidence' 
6 5 'Structure model' 'Data collection'            
7 5 'Structure model' 'Database references'        
8 5 'Structure model' 'Derived calculations'       
9 5 'Structure model' 'Structure summary'          
# 
loop_
_pdbx_audit_revision_category.ordinal 
_pdbx_audit_revision_category.revision_ordinal 
_pdbx_audit_revision_category.data_content_type 
_pdbx_audit_revision_category.category 
1  2 'Structure model' citation                      
2  2 'Structure model' citation_author               
3  3 'Structure model' citation                      
4  3 'Structure model' citation_author               
5  3 'Structure model' pdbx_audit_support            
6  3 'Structure model' pdbx_validate_polymer_linkage 
7  4 'Structure model' pdbx_audit_support            
8  5 'Structure model' chem_comp_atom                
9  5 'Structure model' chem_comp_bond                
10 5 'Structure model' database_2                    
11 5 'Structure model' pdbx_entry_details            
12 5 'Structure model' pdbx_modification_feature     
13 5 'Structure model' struct_conn                   
# 
loop_
_pdbx_audit_revision_item.ordinal 
_pdbx_audit_revision_item.revision_ordinal 
_pdbx_audit_revision_item.data_content_type 
_pdbx_audit_revision_item.item 
1  2 'Structure model' '_citation.country'                        
2  2 'Structure model' '_citation.journal_abbrev'                 
3  2 'Structure model' '_citation.journal_id_ISSN'                
4  2 'Structure model' '_citation.pdbx_database_id_DOI'           
5  2 'Structure model' '_citation.title'                          
6  2 'Structure model' '_citation.year'                           
7  3 'Structure model' '_citation.country'                        
8  3 'Structure model' '_citation.journal_abbrev'                 
9  3 'Structure model' '_citation.journal_id_ISSN'                
10 3 'Structure model' '_citation.journal_volume'                 
11 3 'Structure model' '_citation.page_first'                     
12 3 'Structure model' '_citation.page_last'                      
13 3 'Structure model' '_citation.pdbx_database_id_DOI'           
14 3 'Structure model' '_citation.pdbx_database_id_PubMed'        
15 3 'Structure model' '_citation.title'                          
16 3 'Structure model' '_citation.year'                           
17 3 'Structure model' '_pdbx_audit_support.funding_organization' 
18 4 'Structure model' '_pdbx_audit_support.funding_organization' 
19 5 'Structure model' '_database_2.pdbx_DOI'                     
20 5 'Structure model' '_database_2.pdbx_database_accession'      
21 5 'Structure model' '_struct_conn.pdbx_dist_value'             
22 5 'Structure model' '_struct_conn.ptnr1_label_atom_id'         
23 5 'Structure model' '_struct_conn.ptnr2_auth_comp_id'          
24 5 'Structure model' '_struct_conn.ptnr2_auth_seq_id'           
25 5 'Structure model' '_struct_conn.ptnr2_label_atom_id'         
26 5 'Structure model' '_struct_conn.ptnr2_label_comp_id'         
27 5 'Structure model' '_struct_conn.ptnr2_label_seq_id'          
# 
_pdbx_database_status.status_code                     REL 
_pdbx_database_status.status_code_sf                  REL 
_pdbx_database_status.status_code_mr                  ? 
_pdbx_database_status.entry_id                        5V63 
_pdbx_database_status.recvd_initial_deposition_date   2017-03-15 
_pdbx_database_status.SG_entry                        N 
_pdbx_database_status.deposit_site                    RCSB 
_pdbx_database_status.process_site                    RCSB 
_pdbx_database_status.status_code_cs                  ? 
_pdbx_database_status.methods_development_category    ? 
_pdbx_database_status.pdb_format_compatible           Y 
_pdbx_database_status.status_code_nmr_data            ? 
# 
loop_
_pdbx_database_related.content_type 
_pdbx_database_related.db_id 
_pdbx_database_related.db_name 
_pdbx_database_related.details 
unspecified 5V64 PDB . 
unspecified 5V65 PDB . 
# 
loop_
_audit_author.name 
_audit_author.pdbx_ordinal 
_audit_author.identifier_ORCID 
'Spencer, R.K.'  1 ? 
'Salveson, P.J.' 2 ? 
'Nowick, J.S.'   3 ? 
# 
_citation.abstract                  ? 
_citation.abstract_id_CAS           ? 
_citation.book_id_ISBN              ? 
_citation.book_publisher            ? 
_citation.book_publisher_city       ? 
_citation.book_title                ? 
_citation.coordinate_linkage        ? 
_citation.country                   US 
_citation.database_id_Medline       ? 
_citation.details                   ? 
_citation.id                        primary 
_citation.journal_abbrev            'Org. Lett.' 
_citation.journal_id_ASTM           ? 
_citation.journal_id_CSD            ? 
_citation.journal_id_ISSN           1523-7052 
_citation.journal_full              ? 
_citation.journal_issue             ? 
_citation.journal_volume            19 
_citation.language                  ? 
_citation.page_first                3462 
_citation.page_last                 3465 
_citation.title                     
'X-ray Crystallographic Structure of a Compact Dodecamer from a Peptide Derived from A beta 16-36.' 
_citation.year                      2017 
_citation.database_id_CSD           ? 
_citation.pdbx_database_id_DOI      10.1021/acs.orglett.7b01445 
_citation.pdbx_database_id_PubMed   28683555 
_citation.unpublished_flag          ? 
# 
loop_
_citation_author.citation_id 
_citation_author.name 
_citation_author.ordinal 
_citation_author.identifier_ORCID 
primary 'Salveson, P.J.' 1 ? 
primary 'Spencer, R.K.'  2 ? 
primary 'Kreutzer, A.G.' 3 ? 
primary 'Nowick, J.S.'   4 ? 
# 
loop_
_entity.id 
_entity.type 
_entity.src_method 
_entity.pdbx_description 
_entity.formula_weight 
_entity.pdbx_number_of_molecules 
_entity.pdbx_ec 
_entity.pdbx_mutation 
_entity.pdbx_fragment 
_entity.details 
1 polymer syn ORN-LYS-LEU-VAL-PHI-PHE-ALA-GLU-ORN-ALA-ILE-ILE-SAR-LEU-MET-VAL 2019.298 1 ? ? ? ? 
2 water   nat water                                                           18.015   6 ? ? ? ? 
# 
_entity_poly.entity_id                      1 
_entity_poly.type                           'polypeptide(L)' 
_entity_poly.nstd_linkage                   no 
_entity_poly.nstd_monomer                   yes 
_entity_poly.pdbx_seq_one_letter_code       '(ORN)KLV(PHI)FAE(ORN)AII(SAR)LMVV' 
_entity_poly.pdbx_seq_one_letter_code_can   AKLVFFAEAAIIGLMVV 
_entity_poly.pdbx_strand_id                 A 
_entity_poly.pdbx_target_identifier         ? 
# 
_pdbx_entity_nonpoly.entity_id   2 
_pdbx_entity_nonpoly.name        water 
_pdbx_entity_nonpoly.comp_id     HOH 
# 
loop_
_entity_poly_seq.entity_id 
_entity_poly_seq.num 
_entity_poly_seq.mon_id 
_entity_poly_seq.hetero 
1 1  ORN n 
1 2  LYS n 
1 3  LEU n 
1 4  VAL n 
1 5  PHI n 
1 6  PHE n 
1 7  ALA n 
1 8  GLU n 
1 9  ORN n 
1 10 ALA n 
1 11 ILE n 
1 12 ILE n 
1 13 SAR n 
1 14 LEU n 
1 15 MET n 
1 16 VAL n 
1 17 VAL n 
# 
_pdbx_entity_src_syn.entity_id              1 
_pdbx_entity_src_syn.pdbx_src_id            1 
_pdbx_entity_src_syn.pdbx_alt_source_flag   sample 
_pdbx_entity_src_syn.pdbx_beg_seq_num       1 
_pdbx_entity_src_syn.pdbx_end_seq_num       17 
_pdbx_entity_src_syn.organism_scientific    'synthetic construct' 
_pdbx_entity_src_syn.organism_common_name   ? 
_pdbx_entity_src_syn.ncbi_taxonomy_id       32630 
_pdbx_entity_src_syn.details                ? 
# 
loop_
_chem_comp.id 
_chem_comp.type 
_chem_comp.mon_nstd_flag 
_chem_comp.name 
_chem_comp.pdbx_synonyms 
_chem_comp.formula 
_chem_comp.formula_weight 
ALA 'L-peptide linking' y ALANINE            ? 'C3 H7 N O2'     89.093  
GLU 'L-peptide linking' y 'GLUTAMIC ACID'    ? 'C5 H9 N O4'     147.129 
HOH non-polymer         . WATER              ? 'H2 O'           18.015  
ILE 'L-peptide linking' y ISOLEUCINE         ? 'C6 H13 N O2'    131.173 
LEU 'L-peptide linking' y LEUCINE            ? 'C6 H13 N O2'    131.173 
LYS 'L-peptide linking' y LYSINE             ? 'C6 H15 N2 O2 1' 147.195 
MET 'L-peptide linking' y METHIONINE         ? 'C5 H11 N O2 S'  149.211 
ORN 'L-peptide linking' n L-ornithine        ? 'C5 H12 N2 O2'   132.161 
PHE 'L-peptide linking' y PHENYLALANINE      ? 'C9 H11 N O2'    165.189 
PHI 'L-peptide linking' n IODO-PHENYLALANINE ? 'C9 H10 I N O2'  291.086 
SAR 'peptide linking'   n SARCOSINE          ? 'C3 H7 N O2'     89.093  
VAL 'L-peptide linking' y VALINE             ? 'C5 H11 N O2'    117.146 
# 
loop_
_pdbx_poly_seq_scheme.asym_id 
_pdbx_poly_seq_scheme.entity_id 
_pdbx_poly_seq_scheme.seq_id 
_pdbx_poly_seq_scheme.mon_id 
_pdbx_poly_seq_scheme.ndb_seq_num 
_pdbx_poly_seq_scheme.pdb_seq_num 
_pdbx_poly_seq_scheme.auth_seq_num 
_pdbx_poly_seq_scheme.pdb_mon_id 
_pdbx_poly_seq_scheme.auth_mon_id 
_pdbx_poly_seq_scheme.pdb_strand_id 
_pdbx_poly_seq_scheme.pdb_ins_code 
_pdbx_poly_seq_scheme.hetero 
A 1 1  ORN 1  1  1  ORN ORN A . n 
A 1 2  LYS 2  2  2  LYS LYS A . n 
A 1 3  LEU 3  3  3  LEU LEU A . n 
A 1 4  VAL 4  4  4  VAL VAL A . n 
A 1 5  PHI 5  5  5  PHI PHI A . n 
A 1 6  PHE 6  6  6  PHE PHE A . n 
A 1 7  ALA 7  7  7  ALA ALA A . n 
A 1 8  GLU 8  8  8  GLU GLU A . n 
A 1 9  ORN 9  9  9  ORN ORN A . n 
A 1 10 ALA 10 10 10 ALA ALA A . n 
A 1 11 ILE 11 11 11 ILE ILE A . n 
A 1 12 ILE 12 12 12 ILE ILE A . n 
A 1 13 SAR 13 13 13 SAR SAR A . n 
A 1 14 LEU 14 14 14 LEU LEU A . n 
A 1 15 MET 15 15 15 MET MET A . n 
A 1 16 VAL 16 16 16 VAL VAL A . n 
A 1 17 VAL 17 18 ?  ?   ?   A . n 
# 
loop_
_pdbx_nonpoly_scheme.asym_id 
_pdbx_nonpoly_scheme.entity_id 
_pdbx_nonpoly_scheme.mon_id 
_pdbx_nonpoly_scheme.ndb_seq_num 
_pdbx_nonpoly_scheme.pdb_seq_num 
_pdbx_nonpoly_scheme.auth_seq_num 
_pdbx_nonpoly_scheme.pdb_mon_id 
_pdbx_nonpoly_scheme.auth_mon_id 
_pdbx_nonpoly_scheme.pdb_strand_id 
_pdbx_nonpoly_scheme.pdb_ins_code 
B 2 HOH 1 101 5 HOH HOH A . 
B 2 HOH 2 102 2 HOH HOH A . 
B 2 HOH 3 103 1 HOH HOH A . 
B 2 HOH 4 104 7 HOH HOH A . 
B 2 HOH 5 105 4 HOH HOH A . 
B 2 HOH 6 106 3 HOH HOH A . 
# 
loop_
_software.citation_id 
_software.classification 
_software.compiler_name 
_software.compiler_version 
_software.contact_author 
_software.contact_author_email 
_software.date 
_software.description 
_software.dependencies 
_software.hardware 
_software.language 
_software.location 
_software.mods 
_software.name 
_software.os 
_software.os_version 
_software.type 
_software.version 
_software.pdbx_ordinal 
? refinement       ? ? ? ? ? ? ? ? ? ? ? PHENIX  ? ? ? '(1.10.1_2155: ???)' 1 
? 'data reduction' ? ? ? ? ? ? ? ? ? ? ? iMOSFLM ? ? ? .                    2 
? 'data scaling'   ? ? ? ? ? ? ? ? ? ? ? Aimless ? ? ? .                    3 
? phasing          ? ? ? ? ? ? ? ? ? ? ? PHASER  ? ? ? .                    4 
# 
_cell.angle_alpha                  90.00 
_cell.angle_alpha_esd              ? 
_cell.angle_beta                   90.00 
_cell.angle_beta_esd               ? 
_cell.angle_gamma                  90.00 
_cell.angle_gamma_esd              ? 
_cell.entry_id                     5V63 
_cell.details                      ? 
_cell.formula_units_Z              ? 
_cell.length_a                     55.010 
_cell.length_a_esd                 ? 
_cell.length_b                     55.010 
_cell.length_b_esd                 ? 
_cell.length_c                     55.010 
_cell.length_c_esd                 ? 
_cell.volume                       ? 
_cell.volume_esd                   ? 
_cell.Z_PDB                        48 
_cell.reciprocal_angle_alpha       ? 
_cell.reciprocal_angle_beta        ? 
_cell.reciprocal_angle_gamma       ? 
_cell.reciprocal_angle_alpha_esd   ? 
_cell.reciprocal_angle_beta_esd    ? 
_cell.reciprocal_angle_gamma_esd   ? 
_cell.reciprocal_length_a          ? 
_cell.reciprocal_length_b          ? 
_cell.reciprocal_length_c          ? 
_cell.reciprocal_length_a_esd      ? 
_cell.reciprocal_length_b_esd      ? 
_cell.reciprocal_length_c_esd      ? 
_cell.pdbx_unique_axis             ? 
# 
_symmetry.entry_id                         5V63 
_symmetry.cell_setting                     ? 
_symmetry.Int_Tables_number                196 
_symmetry.space_group_name_Hall            ? 
_symmetry.space_group_name_H-M             'F 2 3' 
_symmetry.pdbx_full_space_group_name_H-M   ? 
# 
_exptl.absorpt_coefficient_mu     ? 
_exptl.absorpt_correction_T_max   ? 
_exptl.absorpt_correction_T_min   ? 
_exptl.absorpt_correction_type    ? 
_exptl.absorpt_process_details    ? 
_exptl.entry_id                   5V63 
_exptl.crystals_number            1 
_exptl.details                    ? 
_exptl.method                     'X-RAY DIFFRACTION' 
_exptl.method_details             ? 
# 
_exptl_crystal.colour                      ? 
_exptl_crystal.density_diffrn              ? 
_exptl_crystal.density_Matthews            1.72 
_exptl_crystal.density_method              ? 
_exptl_crystal.density_percent_sol         28.38 
_exptl_crystal.description                 ? 
_exptl_crystal.F_000                       ? 
_exptl_crystal.id                          1 
_exptl_crystal.preparation                 ? 
_exptl_crystal.size_max                    ? 
_exptl_crystal.size_mid                    ? 
_exptl_crystal.size_min                    ? 
_exptl_crystal.size_rad                    ? 
_exptl_crystal.colour_lustre               ? 
_exptl_crystal.colour_modifier             ? 
_exptl_crystal.colour_primary              ? 
_exptl_crystal.density_meas                ? 
_exptl_crystal.density_meas_esd            ? 
_exptl_crystal.density_meas_gt             ? 
_exptl_crystal.density_meas_lt             ? 
_exptl_crystal.density_meas_temp           ? 
_exptl_crystal.density_meas_temp_esd       ? 
_exptl_crystal.density_meas_temp_gt        ? 
_exptl_crystal.density_meas_temp_lt        ? 
_exptl_crystal.pdbx_crystal_image_url      ? 
_exptl_crystal.pdbx_crystal_image_format   ? 
_exptl_crystal.pdbx_mosaicity              ? 
_exptl_crystal.pdbx_mosaicity_esd          ? 
# 
_exptl_crystal_grow.apparatus       ? 
_exptl_crystal_grow.atmosphere      ? 
_exptl_crystal_grow.crystal_id      1 
_exptl_crystal_grow.details         ? 
_exptl_crystal_grow.method          'VAPOR DIFFUSION, HANGING DROP' 
_exptl_crystal_grow.method_ref      ? 
_exptl_crystal_grow.pH              ? 
_exptl_crystal_grow.pressure        ? 
_exptl_crystal_grow.pressure_esd    ? 
_exptl_crystal_grow.seeding         ? 
_exptl_crystal_grow.seeding_ref     ? 
_exptl_crystal_grow.temp            296.15 
_exptl_crystal_grow.temp_details    ? 
_exptl_crystal_grow.temp_esd        ? 
_exptl_crystal_grow.time            ? 
_exptl_crystal_grow.pdbx_details    
;0.1 M HEPES, pH 7.0
0.2 M MgCl2
28% isopropanol
;
_exptl_crystal_grow.pdbx_pH_range   ? 
# 
_diffrn.ambient_environment    ? 
_diffrn.ambient_temp           100 
_diffrn.ambient_temp_details   ? 
_diffrn.ambient_temp_esd       ? 
_diffrn.crystal_id             1 
_diffrn.crystal_support        ? 
_diffrn.crystal_treatment      ? 
_diffrn.details                ? 
_diffrn.id                     1 
_diffrn.ambient_pressure       ? 
_diffrn.ambient_pressure_esd   ? 
_diffrn.ambient_pressure_gt    ? 
_diffrn.ambient_pressure_lt    ? 
_diffrn.ambient_temp_gt        ? 
_diffrn.ambient_temp_lt        ? 
# 
_diffrn_detector.details                      ? 
_diffrn_detector.detector                     CCD 
_diffrn_detector.diffrn_id                    1 
_diffrn_detector.type                         'RIGAKU SATURN 944+' 
_diffrn_detector.area_resol_mean              ? 
_diffrn_detector.dtime                        ? 
_diffrn_detector.pdbx_frames_total            ? 
_diffrn_detector.pdbx_collection_time_total   ? 
_diffrn_detector.pdbx_collection_date         2014-05-10 
# 
_diffrn_radiation.collimation                      ? 
_diffrn_radiation.diffrn_id                        1 
_diffrn_radiation.filter_edge                      ? 
_diffrn_radiation.inhomogeneity                    ? 
_diffrn_radiation.monochromator                    ? 
_diffrn_radiation.polarisn_norm                    ? 
_diffrn_radiation.polarisn_ratio                   ? 
_diffrn_radiation.probe                            ? 
_diffrn_radiation.type                             ? 
_diffrn_radiation.xray_symbol                      ? 
_diffrn_radiation.wavelength_id                    1 
_diffrn_radiation.pdbx_monochromatic_or_laue_m_l   M 
_diffrn_radiation.pdbx_wavelength_list             ? 
_diffrn_radiation.pdbx_wavelength                  ? 
_diffrn_radiation.pdbx_diffrn_protocol             'SINGLE WAVELENGTH' 
_diffrn_radiation.pdbx_analyzer                    ? 
_diffrn_radiation.pdbx_scattering_type             x-ray 
# 
_diffrn_radiation_wavelength.id           1 
_diffrn_radiation_wavelength.wavelength   1.54 
_diffrn_radiation_wavelength.wt           1.0 
# 
_diffrn_source.current                     ? 
_diffrn_source.details                     ? 
_diffrn_source.diffrn_id                   1 
_diffrn_source.power                       ? 
_diffrn_source.size                        ? 
_diffrn_source.source                      'ROTATING ANODE' 
_diffrn_source.target                      ? 
_diffrn_source.type                        'RIGAKU MICROMAX-007 HF' 
_diffrn_source.voltage                     ? 
_diffrn_source.take-off_angle              ? 
_diffrn_source.pdbx_wavelength_list        1.54 
_diffrn_source.pdbx_wavelength             ? 
_diffrn_source.pdbx_synchrotron_beamline   ? 
_diffrn_source.pdbx_synchrotron_site       ? 
# 
_reflns.B_iso_Wilson_estimate            ? 
_reflns.entry_id                         5V63 
_reflns.data_reduction_details           ? 
_reflns.data_reduction_method            ? 
_reflns.d_resolution_high                2.091 
_reflns.d_resolution_low                 19.449 
_reflns.details                          ? 
_reflns.limit_h_max                      ? 
_reflns.limit_h_min                      ? 
_reflns.limit_k_max                      ? 
_reflns.limit_k_min                      ? 
_reflns.limit_l_max                      ? 
_reflns.limit_l_min                      ? 
_reflns.number_all                       ? 
_reflns.number_obs                       1623 
_reflns.observed_criterion               ? 
_reflns.observed_criterion_F_max         ? 
_reflns.observed_criterion_F_min         ? 
_reflns.observed_criterion_I_max         ? 
_reflns.observed_criterion_I_min         ? 
_reflns.observed_criterion_sigma_F       ? 
_reflns.observed_criterion_sigma_I       ? 
_reflns.percent_possible_obs             100 
_reflns.R_free_details                   ? 
_reflns.Rmerge_F_all                     ? 
_reflns.Rmerge_F_obs                     ? 
_reflns.Friedel_coverage                 ? 
_reflns.number_gt                        ? 
_reflns.threshold_expression             ? 
_reflns.pdbx_redundancy                  2 
_reflns.pdbx_Rmerge_I_obs                0.027 
_reflns.pdbx_Rmerge_I_all                ? 
_reflns.pdbx_Rsym_value                  ? 
_reflns.pdbx_netI_over_av_sigmaI         ? 
_reflns.pdbx_netI_over_sigmaI            28.66 
_reflns.pdbx_res_netI_over_av_sigmaI_2   ? 
_reflns.pdbx_res_netI_over_sigmaI_2      ? 
_reflns.pdbx_chi_squared                 ? 
_reflns.pdbx_scaling_rejects             ? 
_reflns.pdbx_d_res_high_opt              ? 
_reflns.pdbx_d_res_low_opt               ? 
_reflns.pdbx_d_res_opt_method            ? 
_reflns.phase_calculation_details        ? 
_reflns.pdbx_Rrim_I_all                  ? 
_reflns.pdbx_Rpim_I_all                  ? 
_reflns.pdbx_d_opt                       ? 
_reflns.pdbx_number_measured_all         ? 
_reflns.pdbx_diffrn_id                   1 
_reflns.pdbx_ordinal                     1 
_reflns.pdbx_CC_half                     ? 
_reflns.pdbx_R_split                     ? 
# 
_reflns_shell.d_res_high                  2.091 
_reflns_shell.d_res_low                   2.166 
_reflns_shell.meanI_over_sigI_all         ? 
_reflns_shell.meanI_over_sigI_obs         10.28 
_reflns_shell.number_measured_all         ? 
_reflns_shell.number_measured_obs         ? 
_reflns_shell.number_possible             ? 
_reflns_shell.number_unique_all           ? 
_reflns_shell.number_unique_obs           ? 
_reflns_shell.percent_possible_all        100 
_reflns_shell.percent_possible_obs        ? 
_reflns_shell.Rmerge_F_all                ? 
_reflns_shell.Rmerge_F_obs                ? 
_reflns_shell.Rmerge_I_all                ? 
_reflns_shell.Rmerge_I_obs                0.077 
_reflns_shell.meanI_over_sigI_gt          ? 
_reflns_shell.meanI_over_uI_all           ? 
_reflns_shell.meanI_over_uI_gt            ? 
_reflns_shell.number_measured_gt          ? 
_reflns_shell.number_unique_gt            ? 
_reflns_shell.percent_possible_gt         ? 
_reflns_shell.Rmerge_F_gt                 ? 
_reflns_shell.Rmerge_I_gt                 ? 
_reflns_shell.pdbx_redundancy             2 
_reflns_shell.pdbx_Rsym_value             ? 
_reflns_shell.pdbx_chi_squared            ? 
_reflns_shell.pdbx_netI_over_sigmaI_all   ? 
_reflns_shell.pdbx_netI_over_sigmaI_obs   ? 
_reflns_shell.pdbx_Rrim_I_all             ? 
_reflns_shell.pdbx_Rpim_I_all             ? 
_reflns_shell.pdbx_rejects                ? 
_reflns_shell.pdbx_ordinal                1 
_reflns_shell.pdbx_diffrn_id              1 
_reflns_shell.pdbx_CC_half                ? 
_reflns_shell.pdbx_R_split                ? 
# 
_refine.aniso_B[1][1]                            ? 
_refine.aniso_B[1][2]                            ? 
_refine.aniso_B[1][3]                            ? 
_refine.aniso_B[2][2]                            ? 
_refine.aniso_B[2][3]                            ? 
_refine.aniso_B[3][3]                            ? 
_refine.B_iso_max                                ? 
_refine.B_iso_mean                               ? 
_refine.B_iso_min                                ? 
_refine.correlation_coeff_Fo_to_Fc               ? 
_refine.correlation_coeff_Fo_to_Fc_free          ? 
_refine.details                                  ? 
_refine.diff_density_max                         ? 
_refine.diff_density_max_esd                     ? 
_refine.diff_density_min                         ? 
_refine.diff_density_min_esd                     ? 
_refine.diff_density_rms                         ? 
_refine.diff_density_rms_esd                     ? 
_refine.entry_id                                 5V63 
_refine.pdbx_refine_id                           'X-RAY DIFFRACTION' 
_refine.ls_abs_structure_details                 ? 
_refine.ls_abs_structure_Flack                   ? 
_refine.ls_abs_structure_Flack_esd               ? 
_refine.ls_abs_structure_Rogers                  ? 
_refine.ls_abs_structure_Rogers_esd              ? 
_refine.ls_d_res_high                            2.091 
_refine.ls_d_res_low                             19.449 
_refine.ls_extinction_coef                       ? 
_refine.ls_extinction_coef_esd                   ? 
_refine.ls_extinction_expression                 ? 
_refine.ls_extinction_method                     ? 
_refine.ls_goodness_of_fit_all                   ? 
_refine.ls_goodness_of_fit_all_esd               ? 
_refine.ls_goodness_of_fit_obs                   ? 
_refine.ls_goodness_of_fit_obs_esd               ? 
_refine.ls_hydrogen_treatment                    ? 
_refine.ls_matrix_type                           ? 
_refine.ls_number_constraints                    ? 
_refine.ls_number_parameters                     ? 
_refine.ls_number_reflns_all                     ? 
_refine.ls_number_reflns_obs                     1623 
_refine.ls_number_reflns_R_free                  174 
_refine.ls_number_reflns_R_work                  ? 
_refine.ls_number_restraints                     ? 
_refine.ls_percent_reflns_obs                    100.00 
_refine.ls_percent_reflns_R_free                 10.72 
_refine.ls_R_factor_all                          ? 
_refine.ls_R_factor_obs                          0.2762 
_refine.ls_R_factor_R_free                       0.2694 
_refine.ls_R_factor_R_free_error                 ? 
_refine.ls_R_factor_R_free_error_details         ? 
_refine.ls_R_factor_R_work                       0.2567 
_refine.ls_R_Fsqd_factor_obs                     ? 
_refine.ls_R_I_factor_obs                        ? 
_refine.ls_redundancy_reflns_all                 ? 
_refine.ls_redundancy_reflns_obs                 ? 
_refine.ls_restrained_S_all                      ? 
_refine.ls_restrained_S_obs                      ? 
_refine.ls_shift_over_esd_max                    ? 
_refine.ls_shift_over_esd_mean                   ? 
_refine.ls_structure_factor_coef                 ? 
_refine.ls_weighting_details                     ? 
_refine.ls_weighting_scheme                      ? 
_refine.ls_wR_factor_all                         ? 
_refine.ls_wR_factor_obs                         ? 
_refine.ls_wR_factor_R_free                      ? 
_refine.ls_wR_factor_R_work                      ? 
_refine.occupancy_max                            ? 
_refine.occupancy_min                            ? 
_refine.solvent_model_details                    ? 
_refine.solvent_model_param_bsol                 ? 
_refine.solvent_model_param_ksol                 ? 
_refine.ls_R_factor_gt                           ? 
_refine.ls_goodness_of_fit_gt                    ? 
_refine.ls_goodness_of_fit_ref                   ? 
_refine.ls_shift_over_su_max                     ? 
_refine.ls_shift_over_su_max_lt                  ? 
_refine.ls_shift_over_su_mean                    ? 
_refine.ls_shift_over_su_mean_lt                 ? 
_refine.pdbx_ls_sigma_I                          ? 
_refine.pdbx_ls_sigma_F                          1.52 
_refine.pdbx_ls_sigma_Fsqd                       ? 
_refine.pdbx_data_cutoff_high_absF               ? 
_refine.pdbx_data_cutoff_high_rms_absF           ? 
_refine.pdbx_data_cutoff_low_absF                ? 
_refine.pdbx_isotropic_thermal_model             ? 
_refine.pdbx_ls_cross_valid_method               'FREE R-VALUE' 
_refine.pdbx_method_to_determine_struct          SAD 
_refine.pdbx_starting_model                      ? 
_refine.pdbx_stereochemistry_target_values       ? 
_refine.pdbx_R_Free_selection_details            ? 
_refine.pdbx_stereochem_target_val_spec_case     ? 
_refine.pdbx_overall_ESU_R                       ? 
_refine.pdbx_overall_ESU_R_Free                  ? 
_refine.pdbx_solvent_vdw_probe_radii             1.11 
_refine.pdbx_solvent_ion_probe_radii             ? 
_refine.pdbx_solvent_shrinkage_radii             0.90 
_refine.pdbx_real_space_R                        ? 
_refine.pdbx_density_correlation                 ? 
_refine.pdbx_pd_number_of_powder_patterns        ? 
_refine.pdbx_pd_number_of_points                 ? 
_refine.pdbx_pd_meas_number_of_points            ? 
_refine.pdbx_pd_proc_ls_prof_R_factor            ? 
_refine.pdbx_pd_proc_ls_prof_wR_factor           ? 
_refine.pdbx_pd_Marquardt_correlation_coeff      ? 
_refine.pdbx_pd_Fsqrd_R_factor                   ? 
_refine.pdbx_pd_ls_matrix_band_width             ? 
_refine.pdbx_overall_phase_error                 30.19 
_refine.pdbx_overall_SU_R_free_Cruickshank_DPI   ? 
_refine.pdbx_overall_SU_R_free_Blow_DPI          ? 
_refine.pdbx_overall_SU_R_Blow_DPI               ? 
_refine.pdbx_TLS_residual_ADP_flag               ? 
_refine.pdbx_diffrn_id                           1 
_refine.overall_SU_B                             ? 
_refine.overall_SU_ML                            ? 
_refine.overall_SU_R_Cruickshank_DPI             ? 
_refine.overall_SU_R_free                        ? 
_refine.overall_FOM_free_R_set                   ? 
_refine.overall_FOM_work_R_set                   ? 
_refine.pdbx_average_fsc_overall                 ? 
_refine.pdbx_average_fsc_work                    ? 
_refine.pdbx_average_fsc_free                    ? 
# 
_refine_hist.pdbx_refine_id                   'X-RAY DIFFRACTION' 
_refine_hist.cycle_id                         LAST 
_refine_hist.pdbx_number_atoms_protein        126 
_refine_hist.pdbx_number_atoms_nucleic_acid   0 
_refine_hist.pdbx_number_atoms_ligand         0 
_refine_hist.number_atoms_solvent             6 
_refine_hist.number_atoms_total               132 
_refine_hist.d_res_high                       2.091 
_refine_hist.d_res_low                        19.449 
# 
loop_
_refine_ls_restr.pdbx_refine_id 
_refine_ls_restr.criterion 
_refine_ls_restr.dev_ideal 
_refine_ls_restr.dev_ideal_target 
_refine_ls_restr.number 
_refine_ls_restr.rejects 
_refine_ls_restr.type 
_refine_ls_restr.weight 
_refine_ls_restr.pdbx_restraint_function 
'X-RAY DIFFRACTION' ? 0.005  ? 137 ? f_bond_d           ? ? 
'X-RAY DIFFRACTION' ? 0.766  ? 184 ? f_angle_d          ? ? 
'X-RAY DIFFRACTION' ? 30.035 ? 91  ? f_dihedral_angle_d ? ? 
'X-RAY DIFFRACTION' ? 0.051  ? 23  ? f_chiral_restr     ? ? 
'X-RAY DIFFRACTION' ? 0.005  ? 22  ? f_plane_restr      ? ? 
# 
_struct.entry_id                     5V63 
_struct.title                        
'Crystal structure of macrocycles containing Abeta 16-22 (KLV(PHI)FAE) and Abeta 30-36 (AII(SAR)L(ORN)V)' 
_struct.pdbx_model_details           ? 
_struct.pdbx_formula_weight          ? 
_struct.pdbx_formula_weight_method   ? 
_struct.pdbx_model_type_details      ? 
_struct.pdbx_CASP_flag               N 
# 
_struct_keywords.entry_id        5V63 
_struct_keywords.text            'beta-hairpin, macrocycle, DE NOVO PROTEIN' 
_struct_keywords.pdbx_keywords   'DE NOVO PROTEIN' 
# 
loop_
_struct_asym.id 
_struct_asym.pdbx_blank_PDB_chainid_flag 
_struct_asym.pdbx_modified 
_struct_asym.entity_id 
_struct_asym.details 
A N N 1 ? 
B N N 2 ? 
# 
_struct_ref.id                         1 
_struct_ref.db_name                    PDB 
_struct_ref.db_code                    5V63 
_struct_ref.pdbx_db_accession          5V63 
_struct_ref.pdbx_db_isoform            ? 
_struct_ref.entity_id                  1 
_struct_ref.pdbx_seq_one_letter_code   ? 
_struct_ref.pdbx_align_begin           1 
# 
_struct_ref_seq.align_id                      1 
_struct_ref_seq.ref_id                        1 
_struct_ref_seq.pdbx_PDB_id_code              5V63 
_struct_ref_seq.pdbx_strand_id                A 
_struct_ref_seq.seq_align_beg                 1 
_struct_ref_seq.pdbx_seq_align_beg_ins_code   ? 
_struct_ref_seq.seq_align_end                 17 
_struct_ref_seq.pdbx_seq_align_end_ins_code   ? 
_struct_ref_seq.pdbx_db_accession             5V63 
_struct_ref_seq.db_align_beg                  1 
_struct_ref_seq.pdbx_db_align_beg_ins_code    ? 
_struct_ref_seq.db_align_end                  18 
_struct_ref_seq.pdbx_db_align_end_ins_code    ? 
_struct_ref_seq.pdbx_auth_seq_align_beg       1 
_struct_ref_seq.pdbx_auth_seq_align_end       18 
# 
loop_
_pdbx_struct_assembly.id 
_pdbx_struct_assembly.details 
_pdbx_struct_assembly.method_details 
_pdbx_struct_assembly.oligomeric_details 
_pdbx_struct_assembly.oligomeric_count 
1 author_defined_assembly   ?    monomeric   1  
2 software_defined_assembly PISA dodecameric 12 
# 
loop_
_pdbx_struct_assembly_prop.biol_id 
_pdbx_struct_assembly_prop.type 
_pdbx_struct_assembly_prop.value 
_pdbx_struct_assembly_prop.details 
2 'ABSA (A^2)' 10840 ? 
2 MORE         -107  ? 
2 'SSA (A^2)'  9500  ? 
# 
loop_
_pdbx_struct_assembly_gen.assembly_id 
_pdbx_struct_assembly_gen.oper_expression 
_pdbx_struct_assembly_gen.asym_id_list 
1 1                          A,B 
2 1,2,3,4,5,6,7,8,9,10,11,12 A,B 
# 
_pdbx_struct_assembly_auth_evidence.id                     1 
_pdbx_struct_assembly_auth_evidence.assembly_id            1 
_pdbx_struct_assembly_auth_evidence.experimental_support   none 
_pdbx_struct_assembly_auth_evidence.details                ? 
# 
loop_
_pdbx_struct_oper_list.id 
_pdbx_struct_oper_list.type 
_pdbx_struct_oper_list.name 
_pdbx_struct_oper_list.symmetry_operation 
_pdbx_struct_oper_list.matrix[1][1] 
_pdbx_struct_oper_list.matrix[1][2] 
_pdbx_struct_oper_list.matrix[1][3] 
_pdbx_struct_oper_list.vector[1] 
_pdbx_struct_oper_list.matrix[2][1] 
_pdbx_struct_oper_list.matrix[2][2] 
_pdbx_struct_oper_list.matrix[2][3] 
_pdbx_struct_oper_list.vector[2] 
_pdbx_struct_oper_list.matrix[3][1] 
_pdbx_struct_oper_list.matrix[3][2] 
_pdbx_struct_oper_list.matrix[3][3] 
_pdbx_struct_oper_list.vector[3] 
1  'identity operation'         1_555  x,y,z             1.0000000000  0.0000000000  0.0000000000  0.0000000000   0.0000000000  1.0000000000  0.0000000000  0.0000000000  0.0000000000  0.0000000000  1.0000000000  0.0000000000  
2  'crystal symmetry operation' 2_565  -x,-y+1,z         0.3931666936  -0.5838433876 0.7103146133  -3.1905492228  -0.5838433876 -0.7553249709 -0.2976761446 17.8457396958 0.7103146133  -0.2976761446 -0.6378417226 20.9260569215 
3  'crystal symmetry operation' 3_556  -x,y,-z+1         -0.5578796505 0.0469027961  -0.8285954521 5.3395230676   0.0469027961  -0.9950242682 -0.0879024085 18.9745597523 -0.8285954521 -0.0879024085 0.5529039187  3.9231107339  
4  'crystal symmetry operation' 4_566  x,-y+1,-z+1       -0.8352870431 0.5369405915  0.1182808389  -9.3827549533  0.5369405915  0.7503492391  0.3855785530  -0.7714808115 0.1182808389  0.3855785530  -0.9150621960 16.5682006839 
5  'crystal symmetry operation' 33_455 y-1/2,z,x+1/2     0.7668566987  0.6306529752  0.1191957572  -7.3393942289  0.3811016496  -0.2979946307 -0.8751918262 21.4490302957 -0.5164226334 0.7165724143  -0.4688620680 7.8172810039  
6  'crystal symmetry operation' 34_555 -y+1/2,z,-x+1/2   0.0179664314  -0.9595538864 0.2809511460  3.9626777614   -0.2978428734 0.2631028362  0.9176418257  -3.3991418601 -0.9544458236 -0.1001660455 -0.2810692676 12.4412832918 
7  'crystal symmetry operation' 35_465 y-1/2,-z+1,-x+1/2 -0.4969994214 -0.6020248859 -0.6249460871 9.1892355189   0.4985943305  0.3913180917  -0.7734816383 14.3961399706 0.7102079053  -0.6960145026 0.1056813297  16.8170787203 
8  'crystal symmetry operation' 36_565 -y+1/2,-z+1,x+1/2 -0.2878237086 0.9309257971  0.2247991839  -13.0463001599 -0.5818531067 -0.3564262972 0.7310316387  3.6027902305  0.7606605517  0.0796081339  0.6442500059  4.3417253233  
9  'crystal symmetry operation' 41_455 z-1/2,x+1/2,y     0.7668566987  0.3811016496  -0.5164226334 1.4910236423   0.6306529752  -0.2979946307 0.7165724143  5.4186587472  0.1191957572  -0.8751918262 -0.4688620680 23.3120671852 
10 'crystal symmetry operation' 42_456 z-1/2,-x+1/2,-y+1 -0.2878237086 -0.5818531067 0.7606605517  -4.9613189875  0.9309257971  -0.3564262972 0.0796081339  13.0836299061 0.2247991839  0.7310316387  0.6442500059  -2.4981125824 
11 'crystal symmetry operation' 43_555 -z+1/2,-x+1/2,y   0.0179664314  -0.2978428734 -0.9544458236 10.7909255208  -0.9595538864 0.2631028362  -0.1001660455 5.9429208593  0.2809511460  0.9176418257  -0.2810692676 5.5027382674  
12 'crystal symmetry operation' 44_556 -z+1/2,x+1/2,-y+1 -0.4969994214 0.4985943305  0.7102079053  -14.5544112842 -0.6020248859 0.3913180917  -0.6960145026 11.6036091241 -0.6249460871 -0.7734816383 0.1056813297  15.1006754692 
# 
loop_
_struct_conn.id 
_struct_conn.conn_type_id 
_struct_conn.pdbx_leaving_atom_flag 
_struct_conn.pdbx_PDB_id 
_struct_conn.ptnr1_label_asym_id 
_struct_conn.ptnr1_label_comp_id 
_struct_conn.ptnr1_label_seq_id 
_struct_conn.ptnr1_label_atom_id 
_struct_conn.pdbx_ptnr1_label_alt_id 
_struct_conn.pdbx_ptnr1_PDB_ins_code 
_struct_conn.pdbx_ptnr1_standard_comp_id 
_struct_conn.ptnr1_symmetry 
_struct_conn.ptnr2_label_asym_id 
_struct_conn.ptnr2_label_comp_id 
_struct_conn.ptnr2_label_seq_id 
_struct_conn.ptnr2_label_atom_id 
_struct_conn.pdbx_ptnr2_label_alt_id 
_struct_conn.pdbx_ptnr2_PDB_ins_code 
_struct_conn.ptnr1_auth_asym_id 
_struct_conn.ptnr1_auth_comp_id 
_struct_conn.ptnr1_auth_seq_id 
_struct_conn.ptnr2_auth_asym_id 
_struct_conn.ptnr2_auth_comp_id 
_struct_conn.ptnr2_auth_seq_id 
_struct_conn.ptnr2_symmetry 
_struct_conn.pdbx_ptnr3_label_atom_id 
_struct_conn.pdbx_ptnr3_label_seq_id 
_struct_conn.pdbx_ptnr3_label_comp_id 
_struct_conn.pdbx_ptnr3_label_asym_id 
_struct_conn.pdbx_ptnr3_label_alt_id 
_struct_conn.pdbx_ptnr3_PDB_ins_code 
_struct_conn.details 
_struct_conn.pdbx_dist_value 
_struct_conn.pdbx_value_order 
_struct_conn.pdbx_role 
covale1 covale both ? A ORN 1  C  ? ? ? 1_555 A LYS 2  N  ? ? A ORN 1  A LYS 2  1_555 ? ? ? ? ? ? ? 1.372 ? ? 
covale2 covale both ? A ORN 1  NE ? ? ? 1_555 A VAL 16 C  ? ? A ORN 1  A VAL 16 1_555 ? ? ? ? ? ? ? 1.377 ? ? 
covale3 covale both ? A VAL 4  C  ? ? ? 1_555 A PHI 5  N  ? ? A VAL 4  A PHI 5  1_555 ? ? ? ? ? ? ? 1.328 ? ? 
covale4 covale both ? A PHI 5  C  ? ? ? 1_555 A PHE 6  N  ? ? A PHI 5  A PHE 6  1_555 ? ? ? ? ? ? ? 1.329 ? ? 
covale5 covale both ? A GLU 8  C  ? ? ? 1_555 A ORN 9  NE ? ? A GLU 8  A ORN 9  1_555 ? ? ? ? ? ? ? 1.376 ? ? 
covale6 covale both ? A ORN 9  C  ? ? ? 1_555 A ALA 10 N  ? ? A ORN 9  A ALA 10 1_555 ? ? ? ? ? ? ? 1.371 ? ? 
covale7 covale both ? A ILE 12 C  ? ? ? 1_555 A SAR 13 N  ? ? A ILE 12 A SAR 13 1_555 ? ? ? ? ? ? ? 1.336 ? ? 
covale8 covale both ? A SAR 13 C  ? ? ? 1_555 A LEU 14 N  ? ? A SAR 13 A LEU 14 1_555 ? ? ? ? ? ? ? 1.329 ? ? 
# 
_struct_conn_type.id          covale 
_struct_conn_type.criteria    ? 
_struct_conn_type.reference   ? 
# 
loop_
_pdbx_modification_feature.ordinal 
_pdbx_modification_feature.label_comp_id 
_pdbx_modification_feature.label_asym_id 
_pdbx_modification_feature.label_seq_id 
_pdbx_modification_feature.label_alt_id 
_pdbx_modification_feature.modified_residue_label_comp_id 
_pdbx_modification_feature.modified_residue_label_asym_id 
_pdbx_modification_feature.modified_residue_label_seq_id 
_pdbx_modification_feature.modified_residue_label_alt_id 
_pdbx_modification_feature.auth_comp_id 
_pdbx_modification_feature.auth_asym_id 
_pdbx_modification_feature.auth_seq_id 
_pdbx_modification_feature.PDB_ins_code 
_pdbx_modification_feature.symmetry 
_pdbx_modification_feature.modified_residue_auth_comp_id 
_pdbx_modification_feature.modified_residue_auth_asym_id 
_pdbx_modification_feature.modified_residue_auth_seq_id 
_pdbx_modification_feature.modified_residue_PDB_ins_code 
_pdbx_modification_feature.modified_residue_symmetry 
_pdbx_modification_feature.comp_id_linking_atom 
_pdbx_modification_feature.modified_residue_id_linking_atom 
_pdbx_modification_feature.modified_residue_id 
_pdbx_modification_feature.ref_pcm_id 
_pdbx_modification_feature.ref_comp_id 
_pdbx_modification_feature.type 
_pdbx_modification_feature.category 
1 ORN A 1  ? .   . .  . ORN A 1  ? 1_555 .   . .  . .     .  .  ?   1 ORN Ornithine   'Named protein modification' 
2 PHI A 5  ? .   . .  . PHI A 5  ? 1_555 .   . .  . .     .  .  PHE 1 PHI Iodination  'Named protein modification' 
3 ORN A 9  ? .   . .  . ORN A 9  ? 1_555 .   . .  . .     .  .  ?   1 ORN Ornithine   'Named protein modification' 
4 SAR A 13 ? .   . .  . SAR A 13 ? 1_555 .   . .  . .     .  .  GLY 1 SAR Methylation 'Named protein modification' 
5 ORN A 1  ? VAL A 16 ? ORN A 1  ? 1_555 VAL A 16 ? 1_555 NE C  .   . .   None        'Non-standard linkage'       
6 GLU A 8  ? ORN A 9  ? GLU A 8  ? 1_555 ORN A 9  ? 1_555 C  NE .   . .   None        'Non-standard linkage'       
# 
_struct_sheet.id               AA1 
_struct_sheet.type             ? 
_struct_sheet.number_strands   2 
_struct_sheet.details          ? 
# 
_struct_sheet_order.sheet_id     AA1 
_struct_sheet_order.range_id_1   1 
_struct_sheet_order.range_id_2   2 
_struct_sheet_order.offset       ? 
_struct_sheet_order.sense        anti-parallel 
# 
loop_
_struct_sheet_range.sheet_id 
_struct_sheet_range.id 
_struct_sheet_range.beg_label_comp_id 
_struct_sheet_range.beg_label_asym_id 
_struct_sheet_range.beg_label_seq_id 
_struct_sheet_range.pdbx_beg_PDB_ins_code 
_struct_sheet_range.end_label_comp_id 
_struct_sheet_range.end_label_asym_id 
_struct_sheet_range.end_label_seq_id 
_struct_sheet_range.pdbx_end_PDB_ins_code 
_struct_sheet_range.beg_auth_comp_id 
_struct_sheet_range.beg_auth_asym_id 
_struct_sheet_range.beg_auth_seq_id 
_struct_sheet_range.end_auth_comp_id 
_struct_sheet_range.end_auth_asym_id 
_struct_sheet_range.end_auth_seq_id 
AA1 1 LYS A 2  ? ALA A 7  ? LYS A 2  ALA A 7  
AA1 2 ILE A 11 ? VAL A 16 ? ILE A 11 VAL A 16 
# 
_pdbx_struct_sheet_hbond.sheet_id                AA1 
_pdbx_struct_sheet_hbond.range_id_1              1 
_pdbx_struct_sheet_hbond.range_id_2              2 
_pdbx_struct_sheet_hbond.range_1_label_atom_id   N 
_pdbx_struct_sheet_hbond.range_1_label_comp_id   PHE 
_pdbx_struct_sheet_hbond.range_1_label_asym_id   A 
_pdbx_struct_sheet_hbond.range_1_label_seq_id    6 
_pdbx_struct_sheet_hbond.range_1_PDB_ins_code    ? 
_pdbx_struct_sheet_hbond.range_1_auth_atom_id    N 
_pdbx_struct_sheet_hbond.range_1_auth_comp_id    PHE 
_pdbx_struct_sheet_hbond.range_1_auth_asym_id    A 
_pdbx_struct_sheet_hbond.range_1_auth_seq_id     6 
_pdbx_struct_sheet_hbond.range_2_label_atom_id   O 
_pdbx_struct_sheet_hbond.range_2_label_comp_id   ILE 
_pdbx_struct_sheet_hbond.range_2_label_asym_id   A 
_pdbx_struct_sheet_hbond.range_2_label_seq_id    12 
_pdbx_struct_sheet_hbond.range_2_PDB_ins_code    ? 
_pdbx_struct_sheet_hbond.range_2_auth_atom_id    O 
_pdbx_struct_sheet_hbond.range_2_auth_comp_id    ILE 
_pdbx_struct_sheet_hbond.range_2_auth_asym_id    A 
_pdbx_struct_sheet_hbond.range_2_auth_seq_id     12 
# 
_pdbx_entry_details.entry_id                   5V63 
_pdbx_entry_details.compound_details           ? 
_pdbx_entry_details.source_details             ? 
_pdbx_entry_details.nonpolymer_details         ? 
_pdbx_entry_details.sequence_details           ? 
_pdbx_entry_details.has_ligand_of_interest     ? 
_pdbx_entry_details.has_protein_modification   Y 
# 
loop_
_pdbx_validate_symm_contact.id 
_pdbx_validate_symm_contact.PDB_model_num 
_pdbx_validate_symm_contact.auth_atom_id_1 
_pdbx_validate_symm_contact.auth_asym_id_1 
_pdbx_validate_symm_contact.auth_comp_id_1 
_pdbx_validate_symm_contact.auth_seq_id_1 
_pdbx_validate_symm_contact.PDB_ins_code_1 
_pdbx_validate_symm_contact.label_alt_id_1 
_pdbx_validate_symm_contact.site_symmetry_1 
_pdbx_validate_symm_contact.auth_atom_id_2 
_pdbx_validate_symm_contact.auth_asym_id_2 
_pdbx_validate_symm_contact.auth_comp_id_2 
_pdbx_validate_symm_contact.auth_seq_id_2 
_pdbx_validate_symm_contact.PDB_ins_code_2 
_pdbx_validate_symm_contact.label_alt_id_2 
_pdbx_validate_symm_contact.site_symmetry_2 
_pdbx_validate_symm_contact.dist 
1 1 OE2 A GLU 8   ? ? 1_555 H2 A ORN 9   ? ? 5_555  1.50 
2 1 O   A HOH 102 ? ? 1_555 O  A HOH 103 ? ? 34_555 2.18 
# 
loop_
_pdbx_struct_special_symmetry.id 
_pdbx_struct_special_symmetry.PDB_model_num 
_pdbx_struct_special_symmetry.auth_asym_id 
_pdbx_struct_special_symmetry.auth_comp_id 
_pdbx_struct_special_symmetry.auth_seq_id 
_pdbx_struct_special_symmetry.PDB_ins_code 
_pdbx_struct_special_symmetry.label_asym_id 
_pdbx_struct_special_symmetry.label_comp_id 
_pdbx_struct_special_symmetry.label_seq_id 
1 1 A HOH 104 ? B HOH . 
2 1 A HOH 106 ? B HOH . 
# 
_pdbx_refine_tls.pdbx_refine_id   'X-RAY DIFFRACTION' 
_pdbx_refine_tls.id               1 
_pdbx_refine_tls.details          ? 
_pdbx_refine_tls.method           refined 
_pdbx_refine_tls.origin_x         0.0192 
_pdbx_refine_tls.origin_y         0.6875 
_pdbx_refine_tls.origin_z         -0.1018 
_pdbx_refine_tls.T[1][1]          0.1463 
_pdbx_refine_tls.T[2][2]          0.2091 
_pdbx_refine_tls.T[3][3]          0.2013 
_pdbx_refine_tls.T[1][2]          -0.0239 
_pdbx_refine_tls.T[1][3]          -0.0230 
_pdbx_refine_tls.T[2][3]          -0.0299 
_pdbx_refine_tls.L[1][1]          0.2623 
_pdbx_refine_tls.L[2][2]          15.6308 
_pdbx_refine_tls.L[3][3]          9.7970 
_pdbx_refine_tls.L[1][2]          -0.4494 
_pdbx_refine_tls.L[1][3]          0.0246 
_pdbx_refine_tls.L[2][3]          -11.1989 
_pdbx_refine_tls.S[1][1]          0.0165 
_pdbx_refine_tls.S[1][2]          -0.2958 
_pdbx_refine_tls.S[1][3]          0.3364 
_pdbx_refine_tls.S[2][1]          0.7324 
_pdbx_refine_tls.S[2][2]          -0.2056 
_pdbx_refine_tls.S[2][3]          -0.0477 
_pdbx_refine_tls.S[3][1]          -0.6408 
_pdbx_refine_tls.S[3][2]          0.2443 
_pdbx_refine_tls.S[3][3]          0.1080 
# 
_pdbx_refine_tls_group.pdbx_refine_id      'X-RAY DIFFRACTION' 
_pdbx_refine_tls_group.id                  1 
_pdbx_refine_tls_group.refine_tls_id       1 
_pdbx_refine_tls_group.beg_auth_asym_id    ? 
_pdbx_refine_tls_group.beg_auth_seq_id     ? 
_pdbx_refine_tls_group.beg_label_asym_id   ? 
_pdbx_refine_tls_group.beg_label_seq_id    ? 
_pdbx_refine_tls_group.end_auth_asym_id    ? 
_pdbx_refine_tls_group.end_auth_seq_id     ? 
_pdbx_refine_tls_group.end_label_asym_id   ? 
_pdbx_refine_tls_group.end_label_seq_id    ? 
_pdbx_refine_tls_group.selection           ? 
_pdbx_refine_tls_group.selection_details   
;chain 'A' and (resid 1 through 16 )
;
# 
_pdbx_unobs_or_zero_occ_residues.id               1 
_pdbx_unobs_or_zero_occ_residues.PDB_model_num    1 
_pdbx_unobs_or_zero_occ_residues.polymer_flag     Y 
_pdbx_unobs_or_zero_occ_residues.occupancy_flag   1 
_pdbx_unobs_or_zero_occ_residues.auth_asym_id     A 
_pdbx_unobs_or_zero_occ_residues.auth_comp_id     VAL 
_pdbx_unobs_or_zero_occ_residues.auth_seq_id      18 
_pdbx_unobs_or_zero_occ_residues.PDB_ins_code     ? 
_pdbx_unobs_or_zero_occ_residues.label_asym_id    A 
_pdbx_unobs_or_zero_occ_residues.label_comp_id    VAL 
_pdbx_unobs_or_zero_occ_residues.label_seq_id     17 
# 
loop_
_chem_comp_atom.comp_id 
_chem_comp_atom.atom_id 
_chem_comp_atom.type_symbol 
_chem_comp_atom.pdbx_aromatic_flag 
_chem_comp_atom.pdbx_stereo_config 
_chem_comp_atom.pdbx_ordinal 
ALA N    N N N 1   
ALA CA   C N S 2   
ALA C    C N N 3   
ALA O    O N N 4   
ALA CB   C N N 5   
ALA OXT  O N N 6   
ALA H    H N N 7   
ALA H2   H N N 8   
ALA HA   H N N 9   
ALA HB1  H N N 10  
ALA HB2  H N N 11  
ALA HB3  H N N 12  
ALA HXT  H N N 13  
GLU N    N N N 14  
GLU CA   C N S 15  
GLU C    C N N 16  
GLU O    O N N 17  
GLU CB   C N N 18  
GLU CG   C N N 19  
GLU CD   C N N 20  
GLU OE1  O N N 21  
GLU OE2  O N N 22  
GLU OXT  O N N 23  
GLU H    H N N 24  
GLU H2   H N N 25  
GLU HA   H N N 26  
GLU HB2  H N N 27  
GLU HB3  H N N 28  
GLU HG2  H N N 29  
GLU HG3  H N N 30  
GLU HE2  H N N 31  
GLU HXT  H N N 32  
HOH O    O N N 33  
HOH H1   H N N 34  
HOH H2   H N N 35  
ILE N    N N N 36  
ILE CA   C N S 37  
ILE C    C N N 38  
ILE O    O N N 39  
ILE CB   C N S 40  
ILE CG1  C N N 41  
ILE CG2  C N N 42  
ILE CD1  C N N 43  
ILE OXT  O N N 44  
ILE H    H N N 45  
ILE H2   H N N 46  
ILE HA   H N N 47  
ILE HB   H N N 48  
ILE HG12 H N N 49  
ILE HG13 H N N 50  
ILE HG21 H N N 51  
ILE HG22 H N N 52  
ILE HG23 H N N 53  
ILE HD11 H N N 54  
ILE HD12 H N N 55  
ILE HD13 H N N 56  
ILE HXT  H N N 57  
LEU N    N N N 58  
LEU CA   C N S 59  
LEU C    C N N 60  
LEU O    O N N 61  
LEU CB   C N N 62  
LEU CG   C N N 63  
LEU CD1  C N N 64  
LEU CD2  C N N 65  
LEU OXT  O N N 66  
LEU H    H N N 67  
LEU H2   H N N 68  
LEU HA   H N N 69  
LEU HB2  H N N 70  
LEU HB3  H N N 71  
LEU HG   H N N 72  
LEU HD11 H N N 73  
LEU HD12 H N N 74  
LEU HD13 H N N 75  
LEU HD21 H N N 76  
LEU HD22 H N N 77  
LEU HD23 H N N 78  
LEU HXT  H N N 79  
LYS N    N N N 80  
LYS CA   C N S 81  
LYS C    C N N 82  
LYS O    O N N 83  
LYS CB   C N N 84  
LYS CG   C N N 85  
LYS CD   C N N 86  
LYS CE   C N N 87  
LYS NZ   N N N 88  
LYS OXT  O N N 89  
LYS H    H N N 90  
LYS H2   H N N 91  
LYS HA   H N N 92  
LYS HB2  H N N 93  
LYS HB3  H N N 94  
LYS HG2  H N N 95  
LYS HG3  H N N 96  
LYS HD2  H N N 97  
LYS HD3  H N N 98  
LYS HE2  H N N 99  
LYS HE3  H N N 100 
LYS HZ1  H N N 101 
LYS HZ2  H N N 102 
LYS HZ3  H N N 103 
LYS HXT  H N N 104 
MET N    N N N 105 
MET CA   C N S 106 
MET C    C N N 107 
MET O    O N N 108 
MET CB   C N N 109 
MET CG   C N N 110 
MET SD   S N N 111 
MET CE   C N N 112 
MET OXT  O N N 113 
MET H    H N N 114 
MET H2   H N N 115 
MET HA   H N N 116 
MET HB2  H N N 117 
MET HB3  H N N 118 
MET HG2  H N N 119 
MET HG3  H N N 120 
MET HE1  H N N 121 
MET HE2  H N N 122 
MET HE3  H N N 123 
MET HXT  H N N 124 
ORN N    N N N 125 
ORN CA   C N S 126 
ORN CB   C N N 127 
ORN CG   C N N 128 
ORN CD   C N N 129 
ORN NE   N N N 130 
ORN C    C N N 131 
ORN O    O N N 132 
ORN OXT  O N N 133 
ORN H    H N N 134 
ORN H2   H N N 135 
ORN HA   H N N 136 
ORN HB2  H N N 137 
ORN HB3  H N N 138 
ORN HG2  H N N 139 
ORN HG3  H N N 140 
ORN HD2  H N N 141 
ORN HD3  H N N 142 
ORN HE1  H N N 143 
ORN HE2  H N N 144 
ORN HXT  H N N 145 
PHE N    N N N 146 
PHE CA   C N S 147 
PHE C    C N N 148 
PHE O    O N N 149 
PHE CB   C N N 150 
PHE CG   C Y N 151 
PHE CD1  C Y N 152 
PHE CD2  C Y N 153 
PHE CE1  C Y N 154 
PHE CE2  C Y N 155 
PHE CZ   C Y N 156 
PHE OXT  O N N 157 
PHE H    H N N 158 
PHE H2   H N N 159 
PHE HA   H N N 160 
PHE HB2  H N N 161 
PHE HB3  H N N 162 
PHE HD1  H N N 163 
PHE HD2  H N N 164 
PHE HE1  H N N 165 
PHE HE2  H N N 166 
PHE HZ   H N N 167 
PHE HXT  H N N 168 
PHI N    N N N 169 
PHI CA   C N S 170 
PHI CB   C N N 171 
PHI CG   C Y N 172 
PHI CD1  C Y N 173 
PHI CD2  C Y N 174 
PHI CE1  C Y N 175 
PHI CE2  C Y N 176 
PHI CZ   C Y N 177 
PHI I    I N N 178 
PHI C    C N N 179 
PHI O    O N N 180 
PHI OXT  O N N 181 
PHI H    H N N 182 
PHI H2   H N N 183 
PHI HA   H N N 184 
PHI HB2  H N N 185 
PHI HB3  H N N 186 
PHI HD1  H N N 187 
PHI HD2  H N N 188 
PHI HE1  H N N 189 
PHI HE2  H N N 190 
PHI HXT  H N N 191 
SAR N    N N N 192 
SAR CA   C N N 193 
SAR C    C N N 194 
SAR O    O N N 195 
SAR CN   C N N 196 
SAR OXT  O N N 197 
SAR H    H N N 198 
SAR HA2  H N N 199 
SAR HA3  H N N 200 
SAR HN1  H N N 201 
SAR HN2  H N N 202 
SAR HN3  H N N 203 
SAR HXT  H N N 204 
VAL N    N N N 205 
VAL CA   C N S 206 
VAL C    C N N 207 
VAL O    O N N 208 
VAL CB   C N N 209 
VAL CG1  C N N 210 
VAL CG2  C N N 211 
VAL OXT  O N N 212 
VAL H    H N N 213 
VAL H2   H N N 214 
VAL HA   H N N 215 
VAL HB   H N N 216 
VAL HG11 H N N 217 
VAL HG12 H N N 218 
VAL HG13 H N N 219 
VAL HG21 H N N 220 
VAL HG22 H N N 221 
VAL HG23 H N N 222 
VAL HXT  H N N 223 
# 
loop_
_chem_comp_bond.comp_id 
_chem_comp_bond.atom_id_1 
_chem_comp_bond.atom_id_2 
_chem_comp_bond.value_order 
_chem_comp_bond.pdbx_aromatic_flag 
_chem_comp_bond.pdbx_stereo_config 
_chem_comp_bond.pdbx_ordinal 
ALA N   CA   sing N N 1   
ALA N   H    sing N N 2   
ALA N   H2   sing N N 3   
ALA CA  C    sing N N 4   
ALA CA  CB   sing N N 5   
ALA CA  HA   sing N N 6   
ALA C   O    doub N N 7   
ALA C   OXT  sing N N 8   
ALA CB  HB1  sing N N 9   
ALA CB  HB2  sing N N 10  
ALA CB  HB3  sing N N 11  
ALA OXT HXT  sing N N 12  
GLU N   CA   sing N N 13  
GLU N   H    sing N N 14  
GLU N   H2   sing N N 15  
GLU CA  C    sing N N 16  
GLU CA  CB   sing N N 17  
GLU CA  HA   sing N N 18  
GLU C   O    doub N N 19  
GLU C   OXT  sing N N 20  
GLU CB  CG   sing N N 21  
GLU CB  HB2  sing N N 22  
GLU CB  HB3  sing N N 23  
GLU CG  CD   sing N N 24  
GLU CG  HG2  sing N N 25  
GLU CG  HG3  sing N N 26  
GLU CD  OE1  doub N N 27  
GLU CD  OE2  sing N N 28  
GLU OE2 HE2  sing N N 29  
GLU OXT HXT  sing N N 30  
HOH O   H1   sing N N 31  
HOH O   H2   sing N N 32  
ILE N   CA   sing N N 33  
ILE N   H    sing N N 34  
ILE N   H2   sing N N 35  
ILE CA  C    sing N N 36  
ILE CA  CB   sing N N 37  
ILE CA  HA   sing N N 38  
ILE C   O    doub N N 39  
ILE C   OXT  sing N N 40  
ILE CB  CG1  sing N N 41  
ILE CB  CG2  sing N N 42  
ILE CB  HB   sing N N 43  
ILE CG1 CD1  sing N N 44  
ILE CG1 HG12 sing N N 45  
ILE CG1 HG13 sing N N 46  
ILE CG2 HG21 sing N N 47  
ILE CG2 HG22 sing N N 48  
ILE CG2 HG23 sing N N 49  
ILE CD1 HD11 sing N N 50  
ILE CD1 HD12 sing N N 51  
ILE CD1 HD13 sing N N 52  
ILE OXT HXT  sing N N 53  
LEU N   CA   sing N N 54  
LEU N   H    sing N N 55  
LEU N   H2   sing N N 56  
LEU CA  C    sing N N 57  
LEU CA  CB   sing N N 58  
LEU CA  HA   sing N N 59  
LEU C   O    doub N N 60  
LEU C   OXT  sing N N 61  
LEU CB  CG   sing N N 62  
LEU CB  HB2  sing N N 63  
LEU CB  HB3  sing N N 64  
LEU CG  CD1  sing N N 65  
LEU CG  CD2  sing N N 66  
LEU CG  HG   sing N N 67  
LEU CD1 HD11 sing N N 68  
LEU CD1 HD12 sing N N 69  
LEU CD1 HD13 sing N N 70  
LEU CD2 HD21 sing N N 71  
LEU CD2 HD22 sing N N 72  
LEU CD2 HD23 sing N N 73  
LEU OXT HXT  sing N N 74  
LYS N   CA   sing N N 75  
LYS N   H    sing N N 76  
LYS N   H2   sing N N 77  
LYS CA  C    sing N N 78  
LYS CA  CB   sing N N 79  
LYS CA  HA   sing N N 80  
LYS C   O    doub N N 81  
LYS C   OXT  sing N N 82  
LYS CB  CG   sing N N 83  
LYS CB  HB2  sing N N 84  
LYS CB  HB3  sing N N 85  
LYS CG  CD   sing N N 86  
LYS CG  HG2  sing N N 87  
LYS CG  HG3  sing N N 88  
LYS CD  CE   sing N N 89  
LYS CD  HD2  sing N N 90  
LYS CD  HD3  sing N N 91  
LYS CE  NZ   sing N N 92  
LYS CE  HE2  sing N N 93  
LYS CE  HE3  sing N N 94  
LYS NZ  HZ1  sing N N 95  
LYS NZ  HZ2  sing N N 96  
LYS NZ  HZ3  sing N N 97  
LYS OXT HXT  sing N N 98  
MET N   CA   sing N N 99  
MET N   H    sing N N 100 
MET N   H2   sing N N 101 
MET CA  C    sing N N 102 
MET CA  CB   sing N N 103 
MET CA  HA   sing N N 104 
MET C   O    doub N N 105 
MET C   OXT  sing N N 106 
MET CB  CG   sing N N 107 
MET CB  HB2  sing N N 108 
MET CB  HB3  sing N N 109 
MET CG  SD   sing N N 110 
MET CG  HG2  sing N N 111 
MET CG  HG3  sing N N 112 
MET SD  CE   sing N N 113 
MET CE  HE1  sing N N 114 
MET CE  HE2  sing N N 115 
MET CE  HE3  sing N N 116 
MET OXT HXT  sing N N 117 
ORN N   CA   sing N N 118 
ORN N   H    sing N N 119 
ORN N   H2   sing N N 120 
ORN CA  CB   sing N N 121 
ORN CA  C    sing N N 122 
ORN CA  HA   sing N N 123 
ORN CB  CG   sing N N 124 
ORN CB  HB2  sing N N 125 
ORN CB  HB3  sing N N 126 
ORN CG  CD   sing N N 127 
ORN CG  HG2  sing N N 128 
ORN CG  HG3  sing N N 129 
ORN CD  NE   sing N N 130 
ORN CD  HD2  sing N N 131 
ORN CD  HD3  sing N N 132 
ORN NE  HE1  sing N N 133 
ORN NE  HE2  sing N N 134 
ORN C   O    doub N N 135 
ORN C   OXT  sing N N 136 
ORN OXT HXT  sing N N 137 
PHE N   CA   sing N N 138 
PHE N   H    sing N N 139 
PHE N   H2   sing N N 140 
PHE CA  C    sing N N 141 
PHE CA  CB   sing N N 142 
PHE CA  HA   sing N N 143 
PHE C   O    doub N N 144 
PHE C   OXT  sing N N 145 
PHE CB  CG   sing N N 146 
PHE CB  HB2  sing N N 147 
PHE CB  HB3  sing N N 148 
PHE CG  CD1  doub Y N 149 
PHE CG  CD2  sing Y N 150 
PHE CD1 CE1  sing Y N 151 
PHE CD1 HD1  sing N N 152 
PHE CD2 CE2  doub Y N 153 
PHE CD2 HD2  sing N N 154 
PHE CE1 CZ   doub Y N 155 
PHE CE1 HE1  sing N N 156 
PHE CE2 CZ   sing Y N 157 
PHE CE2 HE2  sing N N 158 
PHE CZ  HZ   sing N N 159 
PHE OXT HXT  sing N N 160 
PHI N   CA   sing N N 161 
PHI N   H    sing N N 162 
PHI N   H2   sing N N 163 
PHI CA  CB   sing N N 164 
PHI CA  C    sing N N 165 
PHI CA  HA   sing N N 166 
PHI CB  CG   sing N N 167 
PHI CB  HB2  sing N N 168 
PHI CB  HB3  sing N N 169 
PHI CG  CD1  doub Y N 170 
PHI CG  CD2  sing Y N 171 
PHI CD1 CE1  sing Y N 172 
PHI CD1 HD1  sing N N 173 
PHI CD2 CE2  doub Y N 174 
PHI CD2 HD2  sing N N 175 
PHI CE1 CZ   doub Y N 176 
PHI CE1 HE1  sing N N 177 
PHI CE2 CZ   sing Y N 178 
PHI CE2 HE2  sing N N 179 
PHI CZ  I    sing N N 180 
PHI C   O    doub N N 181 
PHI C   OXT  sing N N 182 
PHI OXT HXT  sing N N 183 
SAR N   CA   sing N N 184 
SAR N   CN   sing N N 185 
SAR N   H    sing N N 186 
SAR CA  C    sing N N 187 
SAR CA  HA2  sing N N 188 
SAR CA  HA3  sing N N 189 
SAR C   O    doub N N 190 
SAR C   OXT  sing N N 191 
SAR CN  HN1  sing N N 192 
SAR CN  HN2  sing N N 193 
SAR CN  HN3  sing N N 194 
SAR OXT HXT  sing N N 195 
VAL N   CA   sing N N 196 
VAL N   H    sing N N 197 
VAL N   H2   sing N N 198 
VAL CA  C    sing N N 199 
VAL CA  CB   sing N N 200 
VAL CA  HA   sing N N 201 
VAL C   O    doub N N 202 
VAL C   OXT  sing N N 203 
VAL CB  CG1  sing N N 204 
VAL CB  CG2  sing N N 205 
VAL CB  HB   sing N N 206 
VAL CG1 HG11 sing N N 207 
VAL CG1 HG12 sing N N 208 
VAL CG1 HG13 sing N N 209 
VAL CG2 HG21 sing N N 210 
VAL CG2 HG22 sing N N 211 
VAL CG2 HG23 sing N N 212 
VAL OXT HXT  sing N N 213 
# 
_pdbx_audit_support.funding_organization   
'National Institutes of Health/National Institute of General Medical Sciences (NIH/NIGMS)' 
_pdbx_audit_support.country                'United States' 
_pdbx_audit_support.grant_number           GM097562 
_pdbx_audit_support.ordinal                1 
# 
_atom_sites.entry_id                    5V63 
_atom_sites.fract_transf_matrix[1][1]   -0.00521698 
_atom_sites.fract_transf_matrix[1][2]   -0.01700659 
_atom_sites.fract_transf_matrix[1][3]   -0.00374633 
_atom_sites.fract_transf_matrix[2][1]   -0.00854723 
_atom_sites.fract_transf_matrix[2][2]   -0.00090674 
_atom_sites.fract_transf_matrix[2][3]   0.01601870 
_atom_sites.fract_transf_matrix[3][1]   -0.01517248 
_atom_sites.fract_transf_matrix[3][2]   0.00635843 
_atom_sites.fract_transf_matrix[3][3]   -0.00773578 
_atom_sites.fract_transf_vector[1]      0.182623 
_atom_sites.fract_transf_vector[2]      0.326865 
_atom_sites.fract_transf_vector[3]      0.495370 
# 
loop_
_atom_type.symbol 
C 
H 
I 
N 
O 
S 
# 
loop_
_atom_site.group_PDB 
_atom_site.id 
_atom_site.type_symbol 
_atom_site.label_atom_id 
_atom_site.label_alt_id 
_atom_site.label_comp_id 
_atom_site.label_asym_id 
_atom_site.label_entity_id 
_atom_site.label_seq_id 
_atom_site.pdbx_PDB_ins_code 
_atom_site.Cartn_x 
_atom_site.Cartn_y 
_atom_site.Cartn_z 
_atom_site.occupancy 
_atom_site.B_iso_or_equiv 
_atom_site.pdbx_formal_charge 
_atom_site.auth_seq_id 
_atom_site.auth_comp_id 
_atom_site.auth_asym_id 
_atom_site.auth_atom_id 
_atom_site.pdbx_PDB_model_num 
HETATM 1   N N    . ORN A 1 1  ? 0.563  10.565  -8.885  1.00 17.58 1  1   ORN A N    1 
HETATM 2   C CA   . ORN A 1 1  ? 0.386  9.185   -8.361  1.00 16.54 ?  1   ORN A CA   1 
HETATM 3   C CB   . ORN A 1 1  ? 1.751  8.522   -8.141  1.00 17.14 ?  1   ORN A CB   1 
HETATM 4   C CG   . ORN A 1 1  ? 2.563  8.320   -9.434  1.00 17.84 ?  1   ORN A CG   1 
HETATM 5   C CD   . ORN A 1 1  ? 2.180  7.041   -10.208 1.00 17.18 ?  1   ORN A CD   1 
HETATM 6   N NE   . ORN A 1 1  ? 2.165  5.883   -9.338  1.00 16.62 ?  1   ORN A NE   1 
HETATM 7   C C    . ORN A 1 1  ? -0.394 9.209   -7.034  1.00 17.02 ?  1   ORN A C    1 
HETATM 8   O O    . ORN A 1 1  ? -0.297 10.150  -6.247  1.00 18.84 ?  1   ORN A O    1 
HETATM 9   H H1   . ORN A 1 1  ? 0.848  10.592  -9.867  1.00 21.10 1  1   ORN A H1   1 
HETATM 10  H H2   . ORN A 1 1  ? -0.289 11.128  -8.835  1.00 21.10 1  1   ORN A H2   1 
HETATM 11  H H3   . ORN A 1 1  ? 1.273  11.101  -8.380  1.00 21.10 1  1   ORN A H3   1 
HETATM 12  H HA   . ORN A 1 1  ? -0.227 8.659   -9.101  1.00 19.84 ?  1   ORN A HA   1 
HETATM 13  H HB2  . ORN A 1 1  ? 2.350  9.126   -7.446  1.00 20.57 ?  1   ORN A HB2  1 
HETATM 14  H HB3  . ORN A 1 1  ? 1.570  7.524   -7.717  1.00 20.57 ?  1   ORN A HB3  1 
HETATM 15  H HG2  . ORN A 1 1  ? 3.627  8.265   -9.178  1.00 21.41 ?  1   ORN A HG2  1 
HETATM 16  H HG3  . ORN A 1 1  ? 2.404  9.188   -10.085 1.00 21.41 ?  1   ORN A HG3  1 
HETATM 17  H HD2  . ORN A 1 1  ? 2.923  6.874   -10.995 1.00 20.62 ?  1   ORN A HD2  1 
HETATM 18  H HD3  . ORN A 1 1  ? 1.184  7.175   -10.641 1.00 20.62 ?  1   ORN A HD3  1 
HETATM 19  H HE1  . ORN A 1 1  ? 3.076  5.534   -9.050  1.00 19.94 ?  1   ORN A HE1  1 
ATOM   20  N N    . LYS A 1 2  ? -1.195 8.122   -6.789  1.00 19.31 ?  2   LYS A N    1 
ATOM   21  C CA   . LYS A 1 2  ? -1.979 8.023   -5.565  1.00 21.38 ?  2   LYS A CA   1 
ATOM   22  C C    . LYS A 1 2  ? -1.364 7.016   -4.605  1.00 23.62 ?  2   LYS A C    1 
ATOM   23  O O    . LYS A 1 2  ? -0.709 6.061   -5.022  1.00 22.40 ?  2   LYS A O    1 
ATOM   24  C CB   . LYS A 1 2  ? -3.427 7.637   -5.871  1.00 21.34 ?  2   LYS A CB   1 
ATOM   25  C CG   . LYS A 1 2  ? -3.610 6.262   -6.483  1.00 25.70 ?  2   LYS A CG   1 
ATOM   26  C CD   . LYS A 1 2  ? -5.087 5.994   -6.717  1.00 28.48 ?  2   LYS A CD   1 
ATOM   27  C CE   . LYS A 1 2  ? -5.324 4.992   -7.832  1.00 23.79 ?  2   LYS A CE   1 
ATOM   28  N NZ   . LYS A 1 2  ? -6.711 5.097   -8.360  1.00 29.46 1  2   LYS A NZ   1 
ATOM   29  H H    . LYS A 1 2  ? -1.281 7.449   -7.318  1.00 23.17 ?  2   LYS A H    1 
ATOM   30  H HA   . LYS A 1 2  ? -1.987 8.888   -5.126  1.00 25.65 ?  2   LYS A HA   1 
ATOM   31  H HB2  . LYS A 1 2  ? -3.933 7.659   -5.044  1.00 25.61 ?  2   LYS A HB2  1 
ATOM   32  H HB3  . LYS A 1 2  ? -3.793 8.285   -6.493  1.00 25.61 ?  2   LYS A HB3  1 
ATOM   33  H HG2  . LYS A 1 2  ? -3.149 6.220   -7.335  1.00 30.84 ?  2   LYS A HG2  1 
ATOM   34  H HG3  . LYS A 1 2  ? -3.266 5.587   -5.876  1.00 30.84 ?  2   LYS A HG3  1 
ATOM   35  H HD2  . LYS A 1 2  ? -5.477 5.637   -5.904  1.00 34.18 ?  2   LYS A HD2  1 
ATOM   36  H HD3  . LYS A 1 2  ? -5.525 6.824   -6.961  1.00 34.18 ?  2   LYS A HD3  1 
ATOM   37  H HE2  . LYS A 1 2  ? -4.706 5.168   -8.559  1.00 28.55 ?  2   LYS A HE2  1 
ATOM   38  H HE3  . LYS A 1 2  ? -5.194 4.093   -7.491  1.00 28.55 ?  2   LYS A HE3  1 
ATOM   39  H HZ1  . LYS A 1 2  ? -6.834 4.505   -9.012  1.00 35.35 ?  2   LYS A HZ1  1 
ATOM   40  H HZ2  . LYS A 1 2  ? -7.297 4.938   -7.709  1.00 35.35 ?  2   LYS A HZ2  1 
ATOM   41  H HZ3  . LYS A 1 2  ? -6.852 5.915   -8.682  1.00 35.35 ?  2   LYS A HZ3  1 
ATOM   42  N N    . LEU A 1 3  ? -1.582 7.241   -3.312  1.00 26.58 ?  3   LEU A N    1 
ATOM   43  C CA   . LEU A 1 3  ? -1.076 6.361   -2.266  1.00 24.62 ?  3   LEU A CA   1 
ATOM   44  C C    . LEU A 1 3  ? -2.106 5.272   -2.002  1.00 23.49 ?  3   LEU A C    1 
ATOM   45  O O    . LEU A 1 3  ? -3.171 5.537   -1.436  1.00 24.68 ?  3   LEU A O    1 
ATOM   46  C CB   . LEU A 1 3  ? -0.779 7.147   -0.993  1.00 26.45 ?  3   LEU A CB   1 
ATOM   47  C CG   . LEU A 1 3  ? 0.586  7.833   -0.930  1.00 27.98 ?  3   LEU A CG   1 
ATOM   48  C CD1  . LEU A 1 3  ? 0.901  8.608   -2.209  1.00 25.82 ?  3   LEU A CD1  1 
ATOM   49  C CD2  . LEU A 1 3  ? 0.654  8.745   0.288   1.00 29.85 ?  3   LEU A CD2  1 
ATOM   50  H H    . LEU A 1 3  ? -2.030 7.911   -3.011  1.00 31.89 ?  3   LEU A H    1 
ATOM   51  H HA   . LEU A 1 3  ? -0.255 5.941   -2.566  1.00 29.55 ?  3   LEU A HA   1 
ATOM   52  H HB2  . LEU A 1 3  ? -1.454 7.837   -0.898  1.00 31.74 ?  3   LEU A HB2  1 
ATOM   53  H HB3  . LEU A 1 3  ? -0.832 6.539   -0.240  1.00 31.74 ?  3   LEU A HB3  1 
ATOM   54  H HG   . LEU A 1 3  ? 1.269  7.153   -0.824  1.00 33.58 ?  3   LEU A HG   1 
ATOM   55  H HD11 . LEU A 1 3  ? 1.773  9.023   -2.118  1.00 30.98 ?  3   LEU A HD11 1 
ATOM   56  H HD12 . LEU A 1 3  ? 0.902  7.994   -2.958  1.00 30.98 ?  3   LEU A HD12 1 
ATOM   57  H HD13 . LEU A 1 3  ? 0.223  9.290   -2.339  1.00 30.98 ?  3   LEU A HD13 1 
ATOM   58  H HD21 . LEU A 1 3  ? 1.524  9.171   0.313   1.00 35.82 ?  3   LEU A HD21 1 
ATOM   59  H HD22 . LEU A 1 3  ? -0.042 9.417   0.216   1.00 35.82 ?  3   LEU A HD22 1 
ATOM   60  H HD23 . LEU A 1 3  ? 0.521  8.213   1.088   1.00 35.82 ?  3   LEU A HD23 1 
ATOM   61  N N    . VAL A 1 4  ? -1.790 4.051   -2.418  1.00 20.60 ?  4   VAL A N    1 
ATOM   62  C CA   . VAL A 1 4  ? -2.630 2.901   -2.128  1.00 16.92 ?  4   VAL A CA   1 
ATOM   63  C C    . VAL A 1 4  ? -2.015 2.149   -0.956  1.00 17.12 ?  4   VAL A C    1 
ATOM   64  O O    . VAL A 1 4  ? -0.860 1.730   -1.018  1.00 15.21 ?  4   VAL A O    1 
ATOM   65  C CB   . VAL A 1 4  ? -2.779 1.980   -3.358  1.00 17.44 ?  4   VAL A CB   1 
ATOM   66  C CG1  . VAL A 1 4  ? -3.950 1.031   -3.170  1.00 15.77 ?  4   VAL A CG1  1 
ATOM   67  C CG2  . VAL A 1 4  ? -2.940 2.798   -4.638  1.00 21.65 ?  4   VAL A CG2  1 
ATOM   68  H H    . VAL A 1 4  ? -1.086 3.863   -2.875  1.00 24.72 ?  4   VAL A H    1 
ATOM   69  H HA   . VAL A 1 4  ? -3.513 3.205   -1.867  1.00 20.31 ?  4   VAL A HA   1 
ATOM   70  H HB   . VAL A 1 4  ? -1.975 1.445   -3.446  1.00 20.93 ?  4   VAL A HB   1 
ATOM   71  H HG11 . VAL A 1 4  ? -4.025 0.463   -3.952  1.00 18.92 ?  4   VAL A HG11 1 
ATOM   72  H HG12 . VAL A 1 4  ? -3.793 0.488   -2.381  1.00 18.92 ?  4   VAL A HG12 1 
ATOM   73  H HG13 . VAL A 1 4  ? -4.762 1.549   -3.057  1.00 18.92 ?  4   VAL A HG13 1 
ATOM   74  H HG21 . VAL A 1 4  ? -3.031 2.192   -5.391  1.00 25.98 ?  4   VAL A HG21 1 
ATOM   75  H HG22 . VAL A 1 4  ? -3.732 3.352   -4.562  1.00 25.98 ?  4   VAL A HG22 1 
ATOM   76  H HG23 . VAL A 1 4  ? -2.155 3.357   -4.756  1.00 25.98 ?  4   VAL A HG23 1 
HETATM 77  N N    . PHI A 1 5  ? -2.778 2.000   0.121   1.00 24.19 ?  5   PHI A N    1 
HETATM 78  C CA   . PHI A 1 5  ? -2.344 1.214   1.275   1.00 26.55 ?  5   PHI A CA   1 
HETATM 79  C CB   . PHI A 1 5  ? -2.932 1.806   2.583   1.00 33.75 ?  5   PHI A CB   1 
HETATM 80  C CG   . PHI A 1 5  ? -2.041 2.986   3.046   1.00 33.53 ?  5   PHI A CG   1 
HETATM 81  C CD1  . PHI A 1 5  ? -0.714 2.716   3.582   1.00 28.81 ?  5   PHI A CD1  1 
HETATM 82  C CD2  . PHI A 1 5  ? -2.498 4.279   2.948   1.00 36.99 ?  5   PHI A CD2  1 
HETATM 83  C CE1  . PHI A 1 5  ? 0.076  3.744   3.988   1.00 32.38 ?  5   PHI A CE1  1 
HETATM 84  C CE2  . PHI A 1 5  ? -1.702 5.319   3.361   1.00 44.30 ?  5   PHI A CE2  1 
HETATM 85  C CZ   . PHI A 1 5  ? -0.380 5.046   3.895   1.00 34.58 ?  5   PHI A CZ   1 
HETATM 86  I I    . PHI A 1 5  ? 0.889  6.611   4.543   1.00 53.84 ?  5   PHI A I    1 
HETATM 87  C C    . PHI A 1 5  ? -2.804 -0.194  1.120   1.00 20.02 ?  5   PHI A C    1 
HETATM 88  O O    . PHI A 1 5  ? -4.029 -0.504  1.360   1.00 20.23 ?  5   PHI A O    1 
HETATM 89  H H    . PHI A 1 5  ? -3.637 2.364   0.252   1.00 29.02 ?  5   PHI A H    1 
HETATM 90  H HA   . PHI A 1 5  ? -1.379 1.229   1.325   1.00 31.86 ?  5   PHI A HA   1 
HETATM 91  H HB2  . PHI A 1 5  ? -3.796 2.106   2.435   1.00 40.50 ?  5   PHI A HB2  1 
HETATM 92  H HB3  . PHI A 1 5  ? -2.941 1.130   3.261   1.00 40.50 ?  5   PHI A HB3  1 
HETATM 93  H HD1  . PHI A 1 5  ? -0.396 1.812   3.647   1.00 34.58 ?  5   PHI A HD1  1 
HETATM 94  H HD2  . PHI A 1 5  ? -3.438 4.468   2.570   1.00 44.39 ?  5   PHI A HD2  1 
HETATM 95  H HE1  . PHI A 1 5  ? 0.990  3.558   4.359   1.00 38.85 ?  5   PHI A HE1  1 
HETATM 96  H HE2  . PHI A 1 5  ? -2.046 6.304   3.289   1.00 53.16 ?  5   PHI A HE2  1 
ATOM   97  N N    . PHE A 1 6  ? -1.893 -1.077  0.726   1.00 19.18 ?  6   PHE A N    1 
ATOM   98  C CA   . PHE A 1 6  ? -2.216 -2.487  0.546   1.00 16.91 ?  6   PHE A CA   1 
ATOM   99  C C    . PHE A 1 6  ? -1.978 -3.270  1.827   1.00 18.05 ?  6   PHE A C    1 
ATOM   100 O O    . PHE A 1 6  ? -1.130 -2.902  2.636   1.00 19.48 ?  6   PHE A O    1 
ATOM   101 C CB   . PHE A 1 6  ? -1.380 -3.093  -0.585  1.00 20.08 ?  6   PHE A CB   1 
ATOM   102 C CG   . PHE A 1 6  ? -1.875 -2.749  -1.960  1.00 16.82 ?  6   PHE A CG   1 
ATOM   103 C CD1  . PHE A 1 6  ? -1.433 -1.608  -2.604  1.00 21.47 ?  6   PHE A CD1  1 
ATOM   104 C CD2  . PHE A 1 6  ? -2.776 -3.573  -2.611  1.00 18.90 ?  6   PHE A CD2  1 
ATOM   105 C CE1  . PHE A 1 6  ? -1.881 -1.293  -3.869  1.00 20.34 ?  6   PHE A CE1  1 
ATOM   106 C CE2  . PHE A 1 6  ? -3.229 -3.262  -3.877  1.00 30.27 ?  6   PHE A CE2  1 
ATOM   107 C CZ   . PHE A 1 6  ? -2.781 -2.120  -4.506  1.00 26.06 ?  6   PHE A CZ   1 
ATOM   108 H H    . PHE A 1 6  ? -1.073 -0.882  0.555   1.00 23.02 ?  6   PHE A H    1 
ATOM   109 H HA   . PHE A 1 6  ? -3.152 -2.571  0.309   1.00 20.30 ?  6   PHE A HA   1 
ATOM   110 H HB2  . PHE A 1 6  ? -0.470 -2.768  -0.509  1.00 24.10 ?  6   PHE A HB2  1 
ATOM   111 H HB3  . PHE A 1 6  ? -1.393 -4.058  -0.499  1.00 24.10 ?  6   PHE A HB3  1 
ATOM   112 H HD1  . PHE A 1 6  ? -0.826 -1.046  -2.179  1.00 25.77 ?  6   PHE A HD1  1 
ATOM   113 H HD2  . PHE A 1 6  ? -3.080 -4.344  -2.190  1.00 22.68 ?  6   PHE A HD2  1 
ATOM   114 H HE1  . PHE A 1 6  ? -1.579 -0.522  -4.292  1.00 24.40 ?  6   PHE A HE1  1 
ATOM   115 H HE2  . PHE A 1 6  ? -3.835 -3.822  -4.305  1.00 36.32 ?  6   PHE A HE2  1 
ATOM   116 H HZ   . PHE A 1 6  ? -3.085 -1.909  -5.359  1.00 31.27 ?  6   PHE A HZ   1 
ATOM   117 N N    . ALA A 1 7  ? -2.730 -4.354  2.000   1.00 16.79 ?  7   ALA A N    1 
ATOM   118 C CA   . ALA A 1 7  ? -2.562 -5.274  3.123   1.00 18.10 ?  7   ALA A CA   1 
ATOM   119 C C    . ALA A 1 7  ? -2.235 -6.646  2.547   1.00 15.50 ?  7   ALA A C    1 
ATOM   120 O O    . ALA A 1 7  ? -3.140 -7.410  2.193   1.00 21.45 ?  7   ALA A O    1 
ATOM   121 C CB   . ALA A 1 7  ? -3.811 -5.316  3.997   1.00 20.49 ?  7   ALA A CB   1 
ATOM   122 H H    . ALA A 1 7  ? -3.362 -4.584  1.464   1.00 20.15 ?  7   ALA A H    1 
ATOM   123 H HA   . ALA A 1 7  ? -1.815 -4.984  3.670   1.00 21.72 ?  7   ALA A HA   1 
ATOM   124 H HB1  . ALA A 1 7  ? -3.663 -5.934  4.729   1.00 24.59 ?  7   ALA A HB1  1 
ATOM   125 H HB2  . ALA A 1 7  ? -3.983 -4.427  4.344   1.00 24.59 ?  7   ALA A HB2  1 
ATOM   126 H HB3  . ALA A 1 7  ? -4.562 -5.613  3.459   1.00 24.59 ?  7   ALA A HB3  1 
ATOM   127 N N    . GLU A 1 8  ? -0.947 -6.959  2.451   1.00 17.27 ?  8   GLU A N    1 
ATOM   128 C CA   . GLU A 1 8  ? -0.504 -8.206  1.841   1.00 17.08 ?  8   GLU A CA   1 
ATOM   129 C C    . GLU A 1 8  ? -0.325 -9.298  2.884   1.00 16.36 ?  8   GLU A C    1 
ATOM   130 O O    . GLU A 1 8  ? 0.738  -9.439  3.485   1.00 21.30 ?  8   GLU A O    1 
ATOM   131 C CB   . GLU A 1 8  ? 0.802  -7.988  1.078   1.00 18.14 ?  8   GLU A CB   1 
ATOM   132 C CG   . GLU A 1 8  ? 0.680  -6.985  -0.052  1.00 18.67 ?  8   GLU A CG   1 
ATOM   133 C CD   . GLU A 1 8  ? -0.465 -7.312  -0.994  1.00 21.58 ?  8   GLU A CD   1 
ATOM   134 O OE1  . GLU A 1 8  ? -0.956 -6.396  -1.685  1.00 40.88 ?  8   GLU A OE1  1 
ATOM   135 O OE2  . GLU A 1 8  ? -0.882 -8.489  -1.035  1.00 22.18 -1 8   GLU A OE2  1 
ATOM   136 H H    . GLU A 1 8  ? -0.306 -6.460  2.734   1.00 20.73 ?  8   GLU A H    1 
ATOM   137 H HA   . GLU A 1 8  ? -1.175 -8.503  1.208   1.00 20.50 ?  8   GLU A HA   1 
ATOM   138 H HB2  . GLU A 1 8  ? 1.475  -7.661  1.695   1.00 21.76 ?  8   GLU A HB2  1 
ATOM   139 H HB3  . GLU A 1 8  ? 1.086  -8.833  0.697   1.00 21.76 ?  8   GLU A HB3  1 
ATOM   140 H HG2  . GLU A 1 8  ? 0.521  -6.104  0.321   1.00 22.41 ?  8   GLU A HG2  1 
ATOM   141 H HG3  . GLU A 1 8  ? 1.503  -6.985  -0.566  1.00 22.41 ?  8   GLU A HG3  1 
HETATM 142 N N    . ORN A 1 9  ? -0.599 -10.301 8.101   1.00 18.42 1  9   ORN A N    1 
HETATM 143 C CA   . ORN A 1 9  ? -0.256 -9.689  6.795   1.00 13.70 ?  9   ORN A CA   1 
HETATM 144 C CB   . ORN A 1 9  ? -1.529 -9.466  5.973   1.00 18.58 ?  9   ORN A CB   1 
HETATM 145 C CG   . ORN A 1 9  ? -2.097 -10.761 5.370   1.00 27.11 ?  9   ORN A CG   1 
HETATM 146 C CD   . ORN A 1 9  ? -1.405 -11.177 4.059   1.00 12.78 ?  9   ORN A CD   1 
HETATM 147 N NE   . ORN A 1 9  ? -1.423 -10.101 3.093   1.00 12.63 ?  9   ORN A NE   1 
HETATM 148 C C    . ORN A 1 9  ? 0.492  -8.349  6.981   1.00 14.85 ?  9   ORN A C    1 
HETATM 149 O O    . ORN A 1 9  ? 0.367  -7.669  7.998   1.00 16.73 ?  9   ORN A O    1 
HETATM 150 H H2   . ORN A 1 9  ? 0.171  -10.272 8.775   1.00 22.10 1  9   ORN A H2   1 
HETATM 151 H H    . ORN A 1 9  ? -0.858 -11.288 8.029   1.00 22.10 1  9   ORN A H    1 
HETATM 152 H H3   . ORN A 1 9  ? -1.386 -9.845  8.568   1.00 22.10 1  9   ORN A H3   1 
HETATM 153 H HA   . ORN A 1 9  ? 0.436  -10.386 6.313   1.00 16.44 ?  9   ORN A HA   1 
HETATM 154 H HB2  . ORN A 1 9  ? -2.303 -8.995  6.595   1.00 22.29 ?  9   ORN A HB2  1 
HETATM 155 H HB3  . ORN A 1 9  ? -1.268 -8.812  5.130   1.00 22.29 ?  9   ORN A HB3  1 
HETATM 156 H HG2  . ORN A 1 9  ? -3.165 -10.619 5.170   1.00 32.53 ?  9   ORN A HG2  1 
HETATM 157 H HG3  . ORN A 1 9  ? -1.983 -11.569 6.102   1.00 32.53 ?  9   ORN A HG3  1 
HETATM 158 H HD2  . ORN A 1 9  ? -1.944 -12.030 3.636   1.00 15.33 ?  9   ORN A HD2  1 
HETATM 159 H HD3  . ORN A 1 9  ? -0.368 -11.445 4.276   1.00 15.33 ?  9   ORN A HD3  1 
HETATM 160 H HE1  . ORN A 1 9  ? -2.299 -9.972  2.591   1.00 15.16 ?  9   ORN A HE1  1 
ATOM   161 N N    . ALA A 1 10 ? 1.300  -7.979  5.938   1.00 18.45 ?  10  ALA A N    1 
ATOM   162 C CA   . ALA A 1 10 ? 2.067  -6.744  5.971   1.00 19.57 ?  10  ALA A CA   1 
ATOM   163 C C    . ALA A 1 10 ? 1.328  -5.625  5.247   1.00 20.64 ?  10  ALA A C    1 
ATOM   164 O O    . ALA A 1 10 ? 1.139  -5.685  4.034   1.00 22.51 ?  10  ALA A O    1 
ATOM   165 C CB   . ALA A 1 10 ? 3.443  -6.959  5.347   1.00 19.72 ?  10  ALA A CB   1 
ATOM   166 H H    . ALA A 1 10 ? 1.404  -8.436  5.217   1.00 22.14 ?  10  ALA A H    1 
ATOM   167 H HA   . ALA A 1 10 ? 2.193  -6.474  6.894   1.00 23.49 ?  10  ALA A HA   1 
ATOM   168 H HB1  . ALA A 1 10 ? 3.937  -6.124  5.378   1.00 23.66 ?  10  ALA A HB1  1 
ATOM   169 H HB2  . ALA A 1 10 ? 3.913  -7.642  5.848   1.00 23.66 ?  10  ALA A HB2  1 
ATOM   170 H HB3  . ALA A 1 10 ? 3.330  -7.242  4.426   1.00 23.66 ?  10  ALA A HB3  1 
ATOM   171 N N    A ILE A 1 11 ? 0.885  -4.614  5.995   0.50 25.08 ?  11  ILE A N    1 
ATOM   172 N N    B ILE A 1 11 ? 0.915  -4.607  6.000   0.50 25.12 ?  11  ILE A N    1 
ATOM   173 C CA   A ILE A 1 11 ? 0.311  -3.429  5.366   0.50 22.53 ?  11  ILE A CA   1 
ATOM   174 C CA   B ILE A 1 11 ? 0.332  -3.414  5.398   0.50 22.58 ?  11  ILE A CA   1 
ATOM   175 C C    A ILE A 1 11 ? 1.427  -2.638  4.703   0.50 26.25 ?  11  ILE A C    1 
ATOM   176 C C    B ILE A 1 11 ? 1.437  -2.618  4.711   0.50 26.28 ?  11  ILE A C    1 
ATOM   177 O O    A ILE A 1 11 ? 2.463  -2.354  5.319   0.50 24.12 ?  11  ILE A O    1 
ATOM   178 O O    B ILE A 1 11 ? 2.468  -2.306  5.320   0.50 24.18 ?  11  ILE A O    1 
ATOM   179 C CB   A ILE A 1 11 ? -0.458 -2.572  6.385   0.50 24.82 ?  11  ILE A CB   1 
ATOM   180 C CB   B ILE A 1 11 ? -0.391 -2.575  6.460   0.50 24.92 ?  11  ILE A CB   1 
ATOM   181 C CG1  A ILE A 1 11 ? -0.975 -1.294  5.712   0.50 27.16 ?  11  ILE A CG1  1 
ATOM   182 C CG1  B ILE A 1 11 ? -1.492 -3.409  7.117   0.50 26.88 ?  11  ILE A CG1  1 
ATOM   183 C CG2  A ILE A 1 11 ? 0.424  -2.205  7.563   0.50 28.16 ?  11  ILE A CG2  1 
ATOM   184 C CG2  B ILE A 1 11 ? -0.970 -1.295  5.842   0.50 26.00 ?  11  ILE A CG2  1 
ATOM   185 C CD1  A ILE A 1 11 ? -1.931 -0.478  6.565   0.50 29.48 ?  11  ILE A CD1  1 
ATOM   186 C CD1  B ILE A 1 11 ? -2.170 -2.722  8.262   0.50 30.07 ?  11  ILE A CD1  1 
ATOM   187 H H    A ILE A 1 11 ? 0.905  -4.590  6.855   0.50 30.10 ?  11  ILE A H    1 
ATOM   188 H H    B ILE A 1 11 ? 0.962  -4.583  6.858   0.50 30.15 ?  11  ILE A H    1 
ATOM   189 H HA   A ILE A 1 11 ? -0.312 -3.708  4.677   0.50 27.04 ?  11  ILE A HA   1 
ATOM   190 H HA   B ILE A 1 11 ? -0.315 -3.678  4.726   0.50 27.10 ?  11  ILE A HA   1 
ATOM   191 H HB   A ILE A 1 11 ? -1.217 -3.081  6.711   0.50 29.78 ?  11  ILE A HB   1 
ATOM   192 H HB   B ILE A 1 11 ? 0.252  -2.323  7.142   0.50 29.91 ?  11  ILE A HB   1 
ATOM   193 H HG12 A ILE A 1 11 ? -0.217 -0.729  5.496   0.50 32.59 ?  11  ILE A HG12 1 
ATOM   194 H HG12 B ILE A 1 11 ? -2.167 -3.614  6.452   0.50 32.25 ?  11  ILE A HG12 1 
ATOM   195 H HG13 A ILE A 1 11 ? -1.442 -1.539  4.898   0.50 32.59 ?  11  ILE A HG13 1 
ATOM   196 H HG13 B ILE A 1 11 ? -1.101 -4.230  7.455   0.50 32.25 ?  11  ILE A HG13 1 
ATOM   197 H HG21 A ILE A 1 11 ? -0.090 -1.666  8.185   0.50 33.79 ?  11  ILE A HG21 1 
ATOM   198 H HG21 B ILE A 1 11 ? -1.420 -0.787  6.536   0.50 31.20 ?  11  ILE A HG21 1 
ATOM   199 H HG22 A ILE A 1 11 ? 0.723  -3.018  7.999   0.50 33.79 ?  11  ILE A HG22 1 
ATOM   200 H HG22 B ILE A 1 11 ? -0.246 -0.772  5.465   0.50 31.20 ?  11  ILE A HG22 1 
ATOM   201 H HG23 A ILE A 1 11 ? 1.187  -1.701  7.239   0.50 33.79 ?  11  ILE A HG23 1 
ATOM   202 H HG23 B ILE A 1 11 ? -1.601 -1.539  5.147   0.50 31.20 ?  11  ILE A HG23 1 
ATOM   203 H HD11 A ILE A 1 11 ? -2.206 0.306   6.067   0.50 35.38 ?  11  ILE A HD11 1 
ATOM   204 H HD11 B ILE A 1 11 ? -2.851 -3.310  8.623   0.50 36.08 ?  11  ILE A HD11 1 
ATOM   205 H HD12 A ILE A 1 11 ? -2.703 -1.023  6.780   0.50 35.38 ?  11  ILE A HD12 1 
ATOM   206 H HD12 B ILE A 1 11 ? -1.510 -2.518  8.943   0.50 36.08 ?  11  ILE A HD12 1 
ATOM   207 H HD13 A ILE A 1 11 ? -1.475 -0.211  7.379   0.50 35.38 ?  11  ILE A HD13 1 
ATOM   208 H HD13 B ILE A 1 11 ? -2.577 -1.901  7.940   0.50 36.08 ?  11  ILE A HD13 1 
ATOM   209 N N    . ILE A 1 12 ? 1.219  -2.283  3.442   1.00 31.17 ?  12  ILE A N    1 
ATOM   210 C CA   . ILE A 1 12 ? 2.250  -1.660  2.626   1.00 26.10 ?  12  ILE A CA   1 
ATOM   211 C C    . ILE A 1 12 ? 1.641  -0.530  1.794   1.00 25.78 ?  12  ILE A C    1 
ATOM   212 O O    . ILE A 1 12 ? 0.560  -0.702  1.227   1.00 27.35 ?  12  ILE A O    1 
ATOM   213 C CB   . ILE A 1 12 ? 2.944  -2.725  1.723   1.00 25.27 ?  12  ILE A CB   1 
ATOM   214 C CG1  . ILE A 1 12 ? 4.281  -3.167  2.334   1.00 29.66 ?  12  ILE A CG1  1 
ATOM   215 C CG2  . ILE A 1 12 ? 3.110  -2.232  0.268   1.00 30.76 ?  12  ILE A CG2  1 
ATOM   216 C CD1  . ILE A 1 12 ? 4.201  -4.448  3.147   1.00 34.77 ?  12  ILE A CD1  1 
ATOM   217 H H    . ILE A 1 12 ? 0.474  -2.401  3.027   1.00 37.40 ?  12  ILE A H    1 
ATOM   218 H HA   . ILE A 1 12 ? 2.924  -1.274  3.207   1.00 31.32 ?  12  ILE A HA   1 
ATOM   219 H HB   . ILE A 1 12 ? 2.367  -3.503  1.699   1.00 30.33 ?  12  ILE A HB   1 
ATOM   220 H HG12 . ILE A 1 12 ? 4.918  -3.311  1.617   1.00 35.59 ?  12  ILE A HG12 1 
ATOM   221 H HG13 . ILE A 1 12 ? 4.603  -2.464  2.920   1.00 35.59 ?  12  ILE A HG13 1 
ATOM   222 H HG21 . ILE A 1 12 ? 3.545  -2.926  -0.253  1.00 36.92 ?  12  ILE A HG21 1 
ATOM   223 H HG22 . ILE A 1 12 ? 2.235  -2.041  -0.103  1.00 36.92 ?  12  ILE A HG22 1 
ATOM   224 H HG23 . ILE A 1 12 ? 3.654  -1.429  0.267   1.00 36.92 ?  12  ILE A HG23 1 
ATOM   225 H HD11 . ILE A 1 12 ? 5.082  -4.656  3.496   1.00 41.73 ?  12  ILE A HD11 1 
ATOM   226 H HD12 . ILE A 1 12 ? 3.577  -4.319  3.879   1.00 41.73 ?  12  ILE A HD12 1 
ATOM   227 H HD13 . ILE A 1 12 ? 3.894  -5.167  2.574   1.00 41.73 ?  12  ILE A HD13 1 
HETATM 228 N N    . SAR A 1 13 ? 2.307  0.625   1.713   1.00 32.38 ?  13  SAR A N    1 
HETATM 229 C CA   . SAR A 1 13 ? 1.806  1.674   0.856   1.00 30.70 ?  13  SAR A CA   1 
HETATM 230 C C    . SAR A 1 13 ? 2.496  1.740   -0.308  1.00 25.67 ?  13  SAR A C    1 
HETATM 231 O O    . SAR A 1 13 ? 3.679  1.527   -0.336  1.00 25.95 ?  13  SAR A O    1 
HETATM 232 C CN   . SAR A 1 13 ? 3.441  1.076   2.521   1.00 41.07 ?  13  SAR A CN   1 
HETATM 233 H HA2  . SAR A 1 13 ? 0.854  1.812   0.760   1.00 36.85 ?  13  SAR A HA2  1 
HETATM 234 H HA3  . SAR A 1 13 ? 2.170  2.422   1.390   1.00 36.85 ?  13  SAR A HA3  1 
HETATM 235 H HN1  . SAR A 1 13 ? 4.136  1.448   1.931   1.00 49.28 ?  13  SAR A HN1  1 
HETATM 236 H HN2  . SAR A 1 13 ? 3.810  0.315   3.022   1.00 49.28 ?  13  SAR A HN2  1 
HETATM 237 H HN3  . SAR A 1 13 ? 3.142  1.766   3.147   1.00 49.28 ?  13  SAR A HN3  1 
ATOM   238 N N    . LEU A 1 14 ? 1.791  2.043   -1.394  1.00 16.30 ?  14  LEU A N    1 
ATOM   239 C CA   . LEU A 1 14 ? 2.417  2.143   -2.708  1.00 16.09 ?  14  LEU A CA   1 
ATOM   240 C C    . LEU A 1 14 ? 2.061  3.450   -3.407  1.00 16.21 ?  14  LEU A C    1 
ATOM   241 O O    . LEU A 1 14 ? 0.895  3.833   -3.470  1.00 17.43 ?  14  LEU A O    1 
ATOM   242 C CB   . LEU A 1 14 ? 2.003  0.966   -3.594  1.00 14.72 ?  14  LEU A CB   1 
ATOM   243 C CG   . LEU A 1 14 ? 2.422  -0.436  -3.147  1.00 15.17 ?  14  LEU A CG   1 
ATOM   244 C CD1  . LEU A 1 14 ? 1.911  -1.468  -4.138  1.00 21.42 ?  14  LEU A CD1  1 
ATOM   245 C CD2  . LEU A 1 14 ? 3.931  -0.549  -2.998  1.00 17.17 ?  14  LEU A CD2  1 
ATOM   246 H H    . LEU A 1 14 ? 0.946  2.195   -1.396  1.00 19.56 ?  14  LEU A H    1 
ATOM   247 H HA   . LEU A 1 14 ? 3.381  2.114   -2.601  1.00 19.31 ?  14  LEU A HA   1 
ATOM   248 H HB2  . LEU A 1 14 ? 1.035  0.966   -3.657  1.00 17.67 ?  14  LEU A HB2  1 
ATOM   249 H HB3  . LEU A 1 14 ? 2.379  1.107   -4.476  1.00 17.67 ?  14  LEU A HB3  1 
ATOM   250 H HG   . LEU A 1 14 ? 2.022  -0.625  -2.285  1.00 18.21 ?  14  LEU A HG   1 
ATOM   251 H HD11 . LEU A 1 14 ? 2.184  -2.351  -3.843  1.00 25.70 ?  14  LEU A HD11 1 
ATOM   252 H HD12 . LEU A 1 14 ? 0.943  -1.416  -4.176  1.00 25.70 ?  14  LEU A HD12 1 
ATOM   253 H HD13 . LEU A 1 14 ? 2.287  -1.279  -5.011  1.00 25.70 ?  14  LEU A HD13 1 
ATOM   254 H HD21 . LEU A 1 14 ? 4.153  -1.450  -2.714  1.00 20.61 ?  14  LEU A HD21 1 
ATOM   255 H HD22 . LEU A 1 14 ? 4.348  -0.359  -3.852  1.00 20.61 ?  14  LEU A HD22 1 
ATOM   256 H HD23 . LEU A 1 14 ? 4.231  0.090   -2.333  1.00 20.61 ?  14  LEU A HD23 1 
ATOM   257 N N    . MET A 1 15 ? 3.077  4.130   -3.929  1.00 27.92 ?  15  MET A N    1 
ATOM   258 C CA   . MET A 1 15 ? 2.860  5.304   -4.764  1.00 21.21 ?  15  MET A CA   1 
ATOM   259 C C    . MET A 1 15 ? 2.841  4.885   -6.230  1.00 23.27 ?  15  MET A C    1 
ATOM   260 O O    . MET A 1 15 ? 3.876  4.861   -6.893  1.00 35.36 ?  15  MET A O    1 
ATOM   261 C CB   . MET A 1 15 ? 3.943  6.357   -4.530  1.00 22.38 ?  15  MET A CB   1 
ATOM   262 C CG   . MET A 1 15 ? 3.701  7.647   -5.299  1.00 25.69 ?  15  MET A CG   1 
ATOM   263 S SD   . MET A 1 15 ? 5.035  8.846   -5.157  1.00 46.21 ?  15  MET A SD   1 
ATOM   264 C CE   . MET A 1 15 ? 6.342  8.039   -6.077  1.00 32.57 ?  15  MET A CE   1 
ATOM   265 H H    . MET A 1 15 ? 3.905  3.930   -3.814  1.00 33.51 ?  15  MET A H    1 
ATOM   266 H HA   . MET A 1 15 ? 2.003  5.700   -4.537  1.00 25.46 ?  15  MET A HA   1 
ATOM   267 H HB2  . MET A 1 15 ? 3.971  6.574   -3.585  1.00 26.85 ?  15  MET A HB2  1 
ATOM   268 H HB3  . MET A 1 15 ? 4.797  5.997   -4.813  1.00 26.85 ?  15  MET A HB3  1 
ATOM   269 H HG2  . MET A 1 15 ? 3.594  7.434   -6.239  1.00 30.83 ?  15  MET A HG2  1 
ATOM   270 H HG3  . MET A 1 15 ? 2.892  8.063   -4.963  1.00 30.83 ?  15  MET A HG3  1 
ATOM   271 H HE1  . MET A 1 15 ? 7.130  8.605   -6.068  1.00 39.09 ?  15  MET A HE1  1 
ATOM   272 H HE2  . MET A 1 15 ? 6.542  7.186   -5.659  1.00 39.09 ?  15  MET A HE2  1 
ATOM   273 H HE3  . MET A 1 15 ? 6.045  7.898   -6.989  1.00 39.09 ?  15  MET A HE3  1 
ATOM   274 N N    . VAL A 1 16 ? 1.659  4.553   -6.724  1.00 23.04 ?  16  VAL A N    1 
ATOM   275 C CA   . VAL A 1 16 ? 1.136  4.099   -8.004  1.00 16.57 ?  16  VAL A CA   1 
ATOM   276 C C    . VAL A 1 16 ? 0.986  5.302   -8.926  1.00 16.60 ?  16  VAL A C    1 
ATOM   277 O O    . VAL A 1 16 ? -0.124 5.719   -9.260  1.00 18.89 ?  16  VAL A O    1 
ATOM   278 C CB   . VAL A 1 16 ? -0.195 3.353   -7.827  1.00 20.78 ?  16  VAL A CB   1 
ATOM   279 C CG1  . VAL A 1 16 ? -0.608 2.688   -9.127  1.00 25.89 ?  16  VAL A CG1  1 
ATOM   280 C CG2  . VAL A 1 16 ? -0.081 2.317   -6.714  1.00 20.09 ?  16  VAL A CG2  1 
ATOM   281 H H    . VAL A 1 16 ? 1.062  4.630   -6.110  1.00 27.65 ?  16  VAL A H    1 
ATOM   282 H HA   . VAL A 1 16 ? 1.771  3.488   -8.408  1.00 19.88 ?  16  VAL A HA   1 
ATOM   283 H HB   . VAL A 1 16 ? -0.886 3.988   -7.580  1.00 24.93 ?  16  VAL A HB   1 
ATOM   284 H HG11 . VAL A 1 16 ? -1.449 2.225   -8.990  1.00 31.07 ?  16  VAL A HG11 1 
ATOM   285 H HG12 . VAL A 1 16 ? -0.713 3.368   -9.810  1.00 31.07 ?  16  VAL A HG12 1 
ATOM   286 H HG13 . VAL A 1 16 ? 0.078  2.056   -9.390  1.00 31.07 ?  16  VAL A HG13 1 
ATOM   287 H HG21 . VAL A 1 16 ? -0.931 1.859   -6.620  1.00 24.11 ?  16  VAL A HG21 1 
ATOM   288 H HG22 . VAL A 1 16 ? 0.613  1.681   -6.946  1.00 24.11 ?  16  VAL A HG22 1 
ATOM   289 H HG23 . VAL A 1 16 ? 0.145  2.768   -5.886  1.00 24.11 ?  16  VAL A HG23 1 
HETATM 290 O O    . HOH B 2 .  ? -5.139 1.954   -0.210  1.00 16.94 ?  101 HOH A O    1 
HETATM 291 O O    . HOH B 2 .  ? -1.577 -12.894 8.043   1.00 15.61 ?  102 HOH A O    1 
HETATM 292 O O    . HOH B 2 .  ? 5.303  4.676   -9.327  1.00 22.45 ?  103 HOH A O    1 
HETATM 293 O O    . HOH B 2 .  ? 3.529  -11.436 2.612   0.33 32.48 ?  104 HOH A O    1 
HETATM 294 O O    . HOH B 2 .  ? 6.083  6.809   -10.940 1.00 19.98 ?  105 HOH A O    1 
HETATM 295 O O    . HOH B 2 .  ? 4.414  7.705   -12.830 0.33 14.43 ?  106 HOH A O    1 
# 
loop_
_atom_site_anisotrop.id 
_atom_site_anisotrop.type_symbol 
_atom_site_anisotrop.pdbx_label_atom_id 
_atom_site_anisotrop.pdbx_label_alt_id 
_atom_site_anisotrop.pdbx_label_comp_id 
_atom_site_anisotrop.pdbx_label_asym_id 
_atom_site_anisotrop.pdbx_label_seq_id 
_atom_site_anisotrop.pdbx_PDB_ins_code 
_atom_site_anisotrop.U[1][1] 
_atom_site_anisotrop.U[2][2] 
_atom_site_anisotrop.U[3][3] 
_atom_site_anisotrop.U[1][2] 
_atom_site_anisotrop.U[1][3] 
_atom_site_anisotrop.U[2][3] 
_atom_site_anisotrop.pdbx_auth_seq_id 
_atom_site_anisotrop.pdbx_auth_comp_id 
_atom_site_anisotrop.pdbx_auth_asym_id 
_atom_site_anisotrop.pdbx_auth_atom_id 
1   N N   . ORN A 1  ? 0.2066 0.1227 0.3389 -0.0184 -0.0136 -0.0173 1  ORN A N   
2   C CA  . ORN A 1  ? 0.1849 0.1258 0.3176 -0.0137 -0.0135 -0.0160 1  ORN A CA  
3   C CB  . ORN A 1  ? 0.1760 0.1477 0.3276 -0.0211 -0.0147 0.0046  1  ORN A CB  
4   C CG  . ORN A 1  ? 0.1810 0.1523 0.3447 -0.0038 0.0048  0.0324  1  ORN A CG  
5   C CD  . ORN A 1  ? 0.2007 0.1362 0.3159 0.0217  0.0209  0.0353  1  ORN A CD  
6   N NE  . ORN A 1  ? 0.1881 0.1444 0.2991 0.0210  0.0182  0.0343  1  ORN A NE  
7   C C   . ORN A 1  ? 0.1993 0.1327 0.3147 -0.0146 -0.0121 -0.0306 1  ORN A C   
8   O O   . ORN A 1  ? 0.2467 0.1413 0.3280 -0.0231 -0.0126 -0.0405 1  ORN A O   
20  N N   . LYS A 2  ? 0.2185 0.1727 0.3427 -0.0048 -0.0089 -0.0276 2  LYS A N   
21  C CA  . LYS A 2  ? 0.2502 0.1992 0.3629 0.0036  0.0042  -0.0318 2  LYS A CA  
22  C C   . LYS A 2  ? 0.2791 0.2422 0.3762 -0.0062 -0.0029 -0.0362 2  LYS A C   
23  O O   . LYS A 2  ? 0.2493 0.2407 0.3610 -0.0123 -0.0138 -0.0291 2  LYS A O   
24  C CB  . LYS A 2  ? 0.2273 0.2009 0.3828 0.0197  0.0118  -0.0102 2  LYS A CB  
25  C CG  . LYS A 2  ? 0.2681 0.2674 0.4410 0.0088  -0.0129 0.0040  2  LYS A CG  
26  C CD  . LYS A 2  ? 0.2760 0.3017 0.5043 0.0115  -0.0214 0.0413  2  LYS A CD  
27  C CE  . LYS A 2  ? 0.2262 0.2353 0.4424 -0.0124 -0.0664 0.0600  2  LYS A CE  
28  N NZ  . LYS A 2  ? 0.2685 0.3002 0.5504 -0.0231 -0.0935 0.1104  2  LYS A NZ  
42  N N   . LEU A 3  ? 0.3427 0.2709 0.3963 -0.0033 0.0083  -0.0452 3  LEU A N   
43  C CA  . LEU A 3  ? 0.3250 0.2564 0.3543 -0.0140 -0.0008 -0.0491 3  LEU A CA  
44  C C   . LEU A 3  ? 0.2893 0.2559 0.3474 0.0048  0.0163  -0.0396 3  LEU A C   
45  O O   . LEU A 3  ? 0.3130 0.2605 0.3641 0.0286  0.0468  -0.0316 3  LEU A O   
46  C CB  . LEU A 3  ? 0.4086 0.2520 0.3442 -0.0244 -0.0032 -0.0622 3  LEU A CB  
47  C CG  . LEU A 3  ? 0.4483 0.2600 0.3548 -0.0655 -0.0466 -0.0596 3  LEU A CG  
48  C CD1 . LEU A 3  ? 0.3955 0.2331 0.3523 -0.0696 -0.0518 -0.0514 3  LEU A CD1 
49  C CD2 . LEU A 3  ? 0.5627 0.2387 0.3327 -0.0812 -0.0578 -0.0726 3  LEU A CD2 
61  N N   . VAL A 4  ? 0.2276 0.2394 0.3158 -0.0028 0.0007  -0.0327 4  VAL A N   
62  C CA  . VAL A 4  ? 0.1649 0.2041 0.2740 0.0046  0.0050  -0.0205 4  VAL A CA  
63  C C   . VAL A 4  ? 0.1786 0.2164 0.2556 -0.0011 0.0038  -0.0299 4  VAL A C   
64  O O   . VAL A 4  ? 0.1536 0.2012 0.2233 -0.0143 -0.0127 -0.0321 4  VAL A O   
65  C CB  . VAL A 4  ? 0.1601 0.2142 0.2884 -0.0029 -0.0166 -0.0061 4  VAL A CB  
66  C CG1 . VAL A 4  ? 0.1227 0.1973 0.2790 -0.0047 -0.0242 0.0178  4  VAL A CG1 
67  C CG2 . VAL A 4  ? 0.2162 0.2531 0.3533 -0.0040 -0.0249 -0.0004 4  VAL A CG2 
77  N N   . PHI A 5  ? 0.2776 0.3026 0.3389 0.0126  0.0256  -0.0274 5  PHI A N   
78  C CA  . PHI A 5  ? 0.3233 0.3391 0.3463 0.0078  0.0240  -0.0353 5  PHI A CA  
79  C CB  . PHI A 5  ? 0.4603 0.4070 0.4152 0.0284  0.0583  -0.0391 5  PHI A CB  
80  C CG  . PHI A 5  ? 0.5196 0.3749 0.3795 0.0116  0.0432  -0.0594 5  PHI A CG  
81  C CD1 . PHI A 5  ? 0.4790 0.3174 0.2985 -0.0260 -0.0027 -0.0671 5  PHI A CD1 
82  C CD2 . PHI A 5  ? 0.6015 0.3879 0.4159 0.0286  0.0676  -0.0616 5  PHI A CD2 
83  C CE1 . PHI A 5  ? 0.5812 0.3321 0.3168 -0.0550 -0.0341 -0.0737 5  PHI A CE1 
84  C CE2 . PHI A 5  ? 0.7640 0.4463 0.4730 0.0053  0.0439  -0.0778 5  PHI A CE2 
85  C CZ  . PHI A 5  ? 0.6611 0.3236 0.3292 -0.0431 -0.0150 -0.0825 5  PHI A CZ  
86  I I   . PHI A 5  ? 0.9878 0.5230 0.5348 -0.0945 -0.0758 -0.0729 5  PHI A I   
87  C C   . PHI A 5  ? 0.2112 0.2753 0.2743 0.0086  0.0194  -0.0206 5  PHI A C   
88  O O   . PHI A 5  ? 0.1963 0.2785 0.2939 0.0234  0.0385  0.0019  5  PHI A O   
97  N N   . PHE A 6  ? 0.1951 0.2771 0.2567 -0.0049 -0.0025 -0.0231 6  PHE A N   
98  C CA  . PHE A 6  ? 0.1573 0.2579 0.2274 -0.0065 -0.0104 -0.0112 6  PHE A CA  
99  C C   . PHE A 6  ? 0.1779 0.2829 0.2252 -0.0056 -0.0046 -0.0164 6  PHE A C   
100 O O   . PHE A 6  ? 0.2108 0.3013 0.2280 -0.0106 -0.0064 -0.0279 6  PHE A O   
101 C CB  . PHE A 6  ? 0.2074 0.2959 0.2597 -0.0095 -0.0235 -0.0070 6  PHE A CB  
102 C CG  . PHE A 6  ? 0.1754 0.2371 0.2265 -0.0120 -0.0346 0.0019  6  PHE A CG  
103 C CD1 . PHE A 6  ? 0.2332 0.2892 0.2935 -0.0088 -0.0300 -0.0029 6  PHE A CD1 
104 C CD2 . PHE A 6  ? 0.2179 0.2497 0.2506 -0.0235 -0.0577 0.0192  6  PHE A CD2 
105 C CE1 . PHE A 6  ? 0.2335 0.2560 0.2832 -0.0116 -0.0418 0.0054  6  PHE A CE1 
106 C CE2 . PHE A 6  ? 0.3824 0.3708 0.3968 -0.0336 -0.0798 0.0314  6  PHE A CE2 
107 C CZ  . PHE A 6  ? 0.3278 0.3123 0.3499 -0.0248 -0.0687 0.0225  6  PHE A CZ  
117 N N   . ALA A 7  ? 0.1540 0.2721 0.2119 -0.0051 -0.0054 -0.0029 7  ALA A N   
118 C CA  . ALA A 7  ? 0.1767 0.2986 0.2122 -0.0036 0.0002  -0.0060 7  ALA A CA  
119 C C   . ALA A 7  ? 0.1500 0.2695 0.1695 -0.0107 -0.0172 0.0014  7  ALA A C   
120 O O   . ALA A 7  ? 0.2242 0.3396 0.2513 -0.0192 -0.0300 0.0198  7  ALA A O   
121 C CB  . ALA A 7  ? 0.1972 0.3274 0.2539 0.0091  0.0247  0.0105  7  ALA A CB  
127 N N   . GLU A 8  ? 0.1823 0.2970 0.1768 -0.0075 -0.0183 -0.0037 8  GLU A N   
128 C CA  . GLU A 8  ? 0.2022 0.2894 0.1575 -0.0015 -0.0201 0.0069  8  GLU A CA  
129 C C   . GLU A 8  ? 0.1951 0.2923 0.1343 0.0005  -0.0168 0.0079  8  GLU A C   
130 O O   . GLU A 8  ? 0.2486 0.3679 0.1927 0.0070  -0.0101 0.0120  8  GLU A O   
131 C CB  . GLU A 8  ? 0.2208 0.2998 0.1686 0.0146  -0.0068 0.0181  8  GLU A CB  
132 C CG  . GLU A 8  ? 0.2320 0.2917 0.1856 0.0149  -0.0079 0.0178  8  GLU A CG  
133 C CD  . GLU A 8  ? 0.3041 0.3032 0.2128 0.0050  -0.0259 0.0180  8  GLU A CD  
134 O OE1 . GLU A 8  ? 0.5452 0.5376 0.4705 -0.0028 -0.0360 0.0165  8  GLU A OE1 
135 O OE2 . GLU A 8  ? 0.3453 0.2981 0.1994 -0.0001 -0.0369 0.0243  8  GLU A OE2 
142 N N   . ORN A 9  ? 0.2282 0.3472 0.1242 -0.0055 -0.0019 -0.0147 9  ORN A N   
143 C CA  . ORN A 9  ? 0.1547 0.2878 0.0781 -0.0073 -0.0095 -0.0112 9  ORN A CA  
144 C CB  . ORN A 9  ? 0.2077 0.3401 0.1580 -0.0050 -0.0026 -0.0061 9  ORN A CB  
145 C CG  . ORN A 9  ? 0.3195 0.4451 0.2655 -0.0098 -0.0126 0.0094  9  ORN A CG  
146 C CD  . ORN A 9  ? 0.1614 0.2515 0.0726 -0.0084 -0.0232 0.0137  9  ORN A CD  
147 N NE  . ORN A 9  ? 0.1556 0.2401 0.0841 -0.0094 -0.0265 0.0125  9  ORN A NE  
148 C C   . ORN A 9  ? 0.1743 0.2965 0.0934 -0.0178 -0.0217 -0.0166 9  ORN A C   
149 O O   . ORN A 9  ? 0.2271 0.3078 0.1008 -0.0242 -0.0233 -0.0275 9  ORN A O   
161 N N   . ALA A 10 ? 0.2015 0.3448 0.1545 -0.0195 -0.0300 -0.0042 10 ALA A N   
162 C CA  . ALA A 10 ? 0.2149 0.3533 0.1755 -0.0365 -0.0498 0.0004  10 ALA A CA  
163 C C   . ALA A 10 ? 0.2340 0.3521 0.1980 -0.0330 -0.0402 -0.0140 10 ALA A C   
164 O O   . ALA A 10 ? 0.2423 0.3763 0.2365 -0.0218 -0.0301 -0.0087 10 ALA A O   
165 C CB  . ALA A 10 ? 0.1830 0.3683 0.1979 -0.0369 -0.0587 0.0376  10 ALA A CB  
171 N N   A ILE A 11 ? 0.3241 0.3891 0.2399 -0.0398 -0.0408 -0.0300 11 ILE A N   
172 N N   B ILE A 11 ? 0.3246 0.3896 0.2403 -0.0403 -0.0415 -0.0297 11 ILE A N   
173 C CA  A ILE A 11 ? 0.2987 0.3408 0.2166 -0.0340 -0.0293 -0.0383 11 ILE A CA  
174 C CA  B ILE A 11 ? 0.3004 0.3410 0.2164 -0.0345 -0.0300 -0.0384 11 ILE A CA  
175 C C   A ILE A 11 ? 0.3336 0.3873 0.2764 -0.0541 -0.0567 -0.0271 11 ILE A C   
176 C C   B ILE A 11 ? 0.3345 0.3874 0.2766 -0.0545 -0.0571 -0.0271 11 ILE A C   
177 O O   A ILE A 11 ? 0.3178 0.3567 0.2421 -0.0822 -0.0918 -0.0141 11 ILE A O   
178 O O   B ILE A 11 ? 0.3195 0.3565 0.2425 -0.0829 -0.0924 -0.0143 11 ILE A O   
179 C CB  A ILE A 11 ? 0.3834 0.3401 0.2195 -0.0246 -0.0088 -0.0527 11 ILE A CB  
180 C CB  B ILE A 11 ? 0.3875 0.3408 0.2186 -0.0262 -0.0109 -0.0531 11 ILE A CB  
181 C CG1 A ILE A 11 ? 0.4215 0.3513 0.2591 -0.0141 0.0073  -0.0563 11 ILE A CG1 
182 C CG1 B ILE A 11 ? 0.4136 0.3682 0.2395 0.0005  0.0264  -0.0497 11 ILE A CG1 
183 C CG2 A ILE A 11 ? 0.4852 0.3606 0.2240 -0.0517 -0.0413 -0.0585 11 ILE A CG2 
184 C CG2 B ILE A 11 ? 0.4121 0.3348 0.2410 -0.0143 0.0076  -0.0571 11 ILE A CG2 
185 C CD1 A ILE A 11 ? 0.5114 0.3452 0.2636 0.0139  0.0503  -0.0613 11 ILE A CD1 
186 C CD1 B ILE A 11 ? 0.5219 0.3732 0.2474 0.0235  0.0638  -0.0551 11 ILE A CD1 
209 N N   . ILE A 12 ? 0.3725 0.4513 0.3602 -0.0435 -0.0457 -0.0241 12 ILE A N   
210 C CA  . ILE A 12 ? 0.2879 0.3890 0.3147 -0.0552 -0.0617 -0.0051 12 ILE A CA  
211 C C   . ILE A 12 ? 0.2909 0.3694 0.3192 -0.0494 -0.0516 -0.0174 12 ILE A C   
212 O O   . ILE A 12 ? 0.3086 0.3869 0.3437 -0.0303 -0.0305 -0.0266 12 ILE A O   
213 C CB  . ILE A 12 ? 0.2439 0.3962 0.3201 -0.0379 -0.0488 0.0227  12 ILE A CB  
214 C CG1 . ILE A 12 ? 0.2742 0.4669 0.3857 -0.0509 -0.0672 0.0609  12 ILE A CG1 
215 C CG2 . ILE A 12 ? 0.3039 0.4588 0.4063 -0.0238 -0.0337 0.0338  12 ILE A CG2 
216 C CD1 . ILE A 12 ? 0.3431 0.5431 0.4350 -0.0440 -0.0630 0.0603  12 ILE A CD1 
228 N N   . SAR A 13 ? 0.3820 0.4408 0.4073 -0.0699 -0.0724 -0.0111 13 SAR A N   
229 C CA  . SAR A 13 ? 0.3664 0.4054 0.3949 -0.0624 -0.0613 -0.0210 13 SAR A CA  
230 C C   . SAR A 13 ? 0.2706 0.3500 0.3547 -0.0597 -0.0608 0.0004  13 SAR A C   
231 O O   . SAR A 13 ? 0.2482 0.3649 0.3730 -0.0715 -0.0751 0.0332  13 SAR A O   
232 C CN  . SAR A 13 ? 0.5029 0.5447 0.5128 -0.1079 -0.1158 0.0090  13 SAR A CN  
238 N N   . LEU A 14 ? 0.1507 0.2246 0.2439 -0.0414 -0.0418 -0.0081 14 LEU A N   
239 C CA  . LEU A 14 ? 0.1307 0.2223 0.2583 -0.0314 -0.0329 0.0127  14 LEU A CA  
240 C C   . LEU A 14 ? 0.1410 0.2072 0.2678 -0.0338 -0.0331 0.0030  14 LEU A C   
241 O O   . LEU A 14 ? 0.1716 0.2120 0.2786 -0.0269 -0.0270 -0.0171 14 LEU A O   
242 C CB  . LEU A 14 ? 0.1225 0.2040 0.2328 -0.0062 -0.0129 0.0163  14 LEU A CB  
243 C CG  . LEU A 14 ? 0.1272 0.2216 0.2277 0.0036  -0.0050 0.0295  14 LEU A CG  
244 C CD1 . LEU A 14 ? 0.2436 0.2839 0.2864 0.0241  0.0087  0.0309  14 LEU A CD1 
245 C CD2 . LEU A 14 ? 0.1221 0.2601 0.2704 0.0071  0.0026  0.0707  14 LEU A CD2 
257 N N   . MET A 15 ? 0.2739 0.3539 0.4332 -0.0422 -0.0383 0.0269  15 MET A N   
258 C CA  . MET A 15 ? 0.1966 0.2529 0.3564 -0.0422 -0.0362 0.0211  15 MET A CA  
259 C C   . MET A 15 ? 0.2235 0.2740 0.3865 -0.0138 -0.0098 0.0332  15 MET A C   
260 O O   . MET A 15 ? 0.3609 0.4283 0.5544 -0.0027 0.0063  0.0683  15 MET A O   
261 C CB  . MET A 15 ? 0.1997 0.2631 0.3876 -0.0727 -0.0618 0.0457  15 MET A CB  
262 C CG  . MET A 15 ? 0.2549 0.2860 0.4352 -0.0749 -0.0609 0.0369  15 MET A CG  
263 S SD  . MET A 15 ? 0.5029 0.5381 0.7148 -0.1158 -0.0983 0.0762  15 MET A SD  
264 C CE  . MET A 15 ? 0.2723 0.3893 0.5760 -0.0889 -0.0710 0.1405  15 MET A CE  
274 N N   . VAL A 16 ? 0.2444 0.2608 0.3703 -0.0021 -0.0063 0.0127  16 VAL A N   
275 C CA  . VAL A 16 ? 0.1931 0.1602 0.2762 0.0144  0.0011  0.0153  16 VAL A CA  
276 C C   . VAL A 16 ? 0.1999 0.1445 0.2864 0.0145  0.0011  0.0137  16 VAL A C   
277 O O   . VAL A 16 ? 0.2379 0.1627 0.3172 0.0090  -0.0137 0.0032  16 VAL A O   
278 C CB  . VAL A 16 ? 0.2607 0.2097 0.3190 0.0079  -0.0178 0.0049  16 VAL A CB  
279 C CG1 . VAL A 16 ? 0.3769 0.2453 0.3617 0.0125  -0.0278 0.0150  16 VAL A CG1 
280 C CG2 . VAL A 16 ? 0.2411 0.2191 0.3031 0.0057  -0.0174 0.0035  16 VAL A CG2 
# 
